data_2DEW
#
_entry.id   2DEW
#
_cell.length_a   146.268
_cell.length_b   60.773
_cell.length_c   115.146
_cell.angle_alpha   90.00
_cell.angle_beta   124.26
_cell.angle_gamma   90.00
#
_symmetry.space_group_name_H-M   'C 1 2 1'
#
loop_
_entity.id
_entity.type
_entity.pdbx_description
1 polymer 'Protein-arginine deiminase type IV'
2 polymer '10-mer peptide from histone H3'
3 non-polymer 'CALCIUM ION'
4 non-polymer 'SULFATE ION'
5 water water
#
loop_
_entity_poly.entity_id
_entity_poly.type
_entity_poly.pdbx_seq_one_letter_code
_entity_poly.pdbx_strand_id
1 'polypeptide(L)'
;GPLGSPEFMAQGTLIRVTPEQPTHAVCVLGTLTQLDICSSAPEDCTSFSINASPGVVVDIAHSPPAKKKSTGSSTWPLDP
GVEVTLTMKAASGSTGDQKVQISYYGPKTPPVKALLYLTAVEISLCADITRTGKVKPTRAVKDQRTWTWGPCGQGAILLV
NCDRDNLESSAMDCEDDEVLDSEDLQDMSLMTLSTKTPKDFFTNHTLVLHVARSEMDKVRVFQATRGKLSSKCSVVLGPK
WPSHYLMVPGGKHNMDFYVEALAFPDTDFPGLITLTISLLDTSNLELPEAVVFQDSVVFRVAPWIMTPNTQPPQEVYACS
IFENEDFLKSVTTLAMKAKCKLTICPEEENMDDQWMQDEMEIGYIQAPHKTLPVVFDSPRNRGLKEFPIKRVMGPDFGYV
TRGPQTGGISGLDSFGNLEVSPPVTVRGKEYPLGRILFGDSCYPSNDSRQMHQALQDFLSAQQVQAPVKLYSDWLSVGHV
DEFLSFVPAPDRKGFRLLLASPRSCYKLFQEQQNEGHGEALLFEGIKKKKQQKIKNILSNKTLREHNSFVERCIDWNREL
LKRELGLAESDIIDIPQLFKLKEFSKAEAFFPNMVNMLVLGKHLGIPKPFGPVINGRCCLEEKVCSLLEPLGLQCTFIND
FFTYHIRHGEVHAGTNVRRKPFSFKWWNMVP
;
X
2 'polypeptide(L)' LQTARKSTGG A
#
loop_
_chem_comp.id
_chem_comp.type
_chem_comp.name
_chem_comp.formula
CA non-polymer 'CALCIUM ION' 'Ca 2'
SO4 non-polymer 'SULFATE ION' 'O4 S -2'
#
# COMPACT_ATOMS: atom_id res chain seq x y z
N GLN A 11 33.18 -2.51 -0.98
CA GLN A 11 33.80 -2.43 -2.35
C GLN A 11 35.28 -2.01 -2.29
N GLY A 12 36.03 -2.59 -1.35
CA GLY A 12 37.46 -2.34 -1.23
C GLY A 12 38.26 -3.34 -2.05
N THR A 13 39.36 -2.89 -2.67
CA THR A 13 40.29 -3.80 -3.34
C THR A 13 41.74 -3.53 -2.94
N LEU A 14 42.45 -4.59 -2.60
CA LEU A 14 43.84 -4.51 -2.20
C LEU A 14 44.67 -5.24 -3.25
N ILE A 15 45.44 -4.48 -4.03
CA ILE A 15 46.25 -5.02 -5.11
C ILE A 15 47.66 -5.29 -4.58
N ARG A 16 48.15 -6.51 -4.82
CA ARG A 16 49.50 -6.89 -4.42
C ARG A 16 50.44 -6.57 -5.55
N VAL A 17 51.37 -5.67 -5.30
CA VAL A 17 52.40 -5.35 -6.29
C VAL A 17 53.67 -6.16 -5.98
N THR A 18 54.33 -6.59 -7.05
CA THR A 18 55.49 -7.49 -6.95
C THR A 18 56.60 -7.10 -7.94
N PRO A 19 57.85 -7.00 -7.47
CA PRO A 19 58.94 -6.71 -8.40
C PRO A 19 59.30 -7.89 -9.31
N GLU A 20 58.87 -9.10 -8.95
CA GLU A 20 59.10 -10.28 -9.80
C GLU A 20 58.44 -10.12 -11.18
N GLN A 21 57.23 -9.55 -11.19
CA GLN A 21 56.52 -9.35 -12.45
C GLN A 21 55.46 -8.26 -12.35
N PRO A 22 55.15 -7.60 -13.48
CA PRO A 22 54.08 -6.60 -13.50
C PRO A 22 52.71 -7.19 -13.17
N THR A 23 51.92 -6.42 -12.43
CA THR A 23 50.55 -6.76 -12.13
C THR A 23 49.62 -6.01 -13.10
N HIS A 24 48.53 -6.66 -13.48
CA HIS A 24 47.48 -6.03 -14.28
C HIS A 24 46.16 -6.11 -13.51
N ALA A 25 45.42 -5.01 -13.50
CA ALA A 25 44.20 -4.93 -12.73
C ALA A 25 43.23 -3.88 -13.27
N VAL A 26 41.94 -4.13 -13.04
CA VAL A 26 40.86 -3.23 -13.36
C VAL A 26 40.43 -2.45 -12.11
N CYS A 27 40.13 -1.17 -12.30
CA CYS A 27 39.61 -0.30 -11.25
C CYS A 27 38.28 0.27 -11.69
N VAL A 28 37.21 -0.06 -10.97
CA VAL A 28 35.92 0.57 -11.24
C VAL A 28 35.89 1.90 -10.50
N LEU A 29 35.59 2.96 -11.24
CA LEU A 29 35.49 4.29 -10.66
C LEU A 29 34.47 4.32 -9.53
N GLY A 30 34.80 5.01 -8.44
CA GLY A 30 33.97 5.10 -7.26
C GLY A 30 34.21 4.03 -6.21
N THR A 31 35.17 3.15 -6.45
CA THR A 31 35.57 2.12 -5.50
C THR A 31 36.89 2.49 -4.87
N LEU A 32 37.23 1.82 -3.77
CA LEU A 32 38.49 2.04 -3.06
C LEU A 32 39.52 1.04 -3.54
N THR A 33 40.63 1.56 -4.06
CA THR A 33 41.72 0.71 -4.46
C THR A 33 42.93 1.05 -3.61
N GLN A 34 43.49 0.04 -2.95
CA GLN A 34 44.72 0.22 -2.20
C GLN A 34 45.78 -0.76 -2.64
N LEU A 35 47.01 -0.49 -2.21
CA LEU A 35 48.17 -1.22 -2.64
C LEU A 35 48.85 -1.90 -1.50
N ASP A 36 49.07 -3.20 -1.65
CA ASP A 36 50.00 -3.92 -0.81
C ASP A 36 51.39 -3.84 -1.43
N ILE A 37 52.21 -2.97 -0.85
CA ILE A 37 53.56 -2.71 -1.31
C ILE A 37 54.58 -3.56 -0.54
N CYS A 38 54.21 -4.01 0.66
CA CYS A 38 55.18 -4.66 1.53
C CYS A 38 55.30 -6.17 1.31
N SER A 39 54.17 -6.87 1.26
CA SER A 39 54.13 -8.35 1.18
C SER A 39 55.28 -8.96 0.38
N SER A 40 55.49 -8.48 -0.85
CA SER A 40 56.47 -9.05 -1.78
C SER A 40 57.60 -8.08 -2.13
N ALA A 41 57.93 -7.19 -1.20
CA ALA A 41 59.04 -6.26 -1.37
C ALA A 41 60.40 -6.96 -1.22
N PRO A 42 61.48 -6.35 -1.74
CA PRO A 42 62.83 -6.94 -1.58
C PRO A 42 63.40 -6.74 -0.18
N CYS A 45 65.86 -3.69 0.95
CA CYS A 45 65.25 -2.37 0.79
C CYS A 45 64.53 -1.89 2.04
N THR A 46 64.67 -0.60 2.30
CA THR A 46 64.05 0.08 3.45
C THR A 46 62.90 1.02 3.06
N SER A 47 63.05 1.70 1.93
CA SER A 47 62.12 2.76 1.51
C SER A 47 61.48 2.41 0.17
N PHE A 48 60.47 3.20 -0.20
CA PHE A 48 59.85 3.08 -1.51
C PHE A 48 59.31 4.43 -1.97
N SER A 49 59.30 4.62 -3.29
CA SER A 49 58.65 5.77 -3.89
C SER A 49 57.60 5.28 -4.85
N ILE A 50 56.62 6.14 -5.12
CA ILE A 50 55.59 5.83 -6.09
C ILE A 50 55.49 6.91 -7.15
N ASN A 51 55.45 6.45 -8.39
CA ASN A 51 55.23 7.32 -9.51
C ASN A 51 54.10 6.73 -10.35
N ALA A 52 53.12 7.56 -10.66
CA ALA A 52 51.94 7.13 -11.41
C ALA A 52 51.75 8.05 -12.59
N SER A 53 50.96 7.60 -13.57
CA SER A 53 50.60 8.43 -14.72
C SER A 53 49.53 9.43 -14.28
N PRO A 54 49.32 10.50 -15.07
CA PRO A 54 48.53 11.63 -14.56
C PRO A 54 47.09 11.30 -14.24
N GLY A 55 46.55 10.24 -14.83
CA GLY A 55 45.17 9.82 -14.59
C GLY A 55 44.97 9.07 -13.28
N VAL A 56 46.06 8.78 -12.57
CA VAL A 56 45.99 8.09 -11.27
C VAL A 56 46.40 9.03 -10.15
N VAL A 57 45.57 9.16 -9.13
CA VAL A 57 45.89 9.97 -7.95
C VAL A 57 46.27 9.05 -6.78
N VAL A 58 47.52 9.19 -6.32
CA VAL A 58 48.05 8.40 -5.22
C VAL A 58 47.94 9.22 -3.95
N ASP A 59 47.20 8.70 -2.97
CA ASP A 59 47.15 9.30 -1.64
C ASP A 59 47.91 8.36 -0.71
N ILE A 60 48.60 8.95 0.27
CA ILE A 60 49.57 8.20 1.06
C ILE A 60 49.94 8.91 2.35
N THR A 75 58.81 10.54 -0.37
CA THR A 75 59.12 9.11 -0.32
C THR A 75 59.02 8.57 1.11
N TRP A 76 58.59 7.31 1.21
CA TRP A 76 58.15 6.74 2.48
C TRP A 76 58.95 5.49 2.84
N PRO A 77 58.91 5.09 4.13
CA PRO A 77 59.57 3.86 4.56
C PRO A 77 58.71 2.65 4.25
N LEU A 78 59.33 1.49 4.10
CA LEU A 78 58.62 0.26 3.78
C LEU A 78 58.05 -0.40 5.05
N ASP A 79 57.03 0.25 5.62
CA ASP A 79 56.40 -0.19 6.86
C ASP A 79 54.94 -0.57 6.54
N PRO A 80 54.52 -1.82 6.88
CA PRO A 80 53.21 -2.37 6.51
C PRO A 80 52.01 -1.45 6.71
N GLY A 81 52.02 -0.67 7.79
CA GLY A 81 50.91 0.21 8.14
C GLY A 81 50.75 1.45 7.26
N VAL A 82 51.72 1.73 6.39
CA VAL A 82 51.61 2.83 5.43
C VAL A 82 50.48 2.57 4.42
N GLU A 83 49.46 3.42 4.44
CA GLU A 83 48.29 3.27 3.55
C GLU A 83 48.57 3.97 2.23
N VAL A 84 48.42 3.24 1.13
CA VAL A 84 48.59 3.78 -0.21
C VAL A 84 47.32 3.47 -0.96
N THR A 85 46.58 4.50 -1.33
CA THR A 85 45.31 4.34 -2.03
C THR A 85 45.36 5.00 -3.40
N LEU A 86 44.82 4.33 -4.41
CA LEU A 86 44.86 4.80 -5.79
C LEU A 86 43.48 5.18 -6.23
N THR A 87 43.37 6.29 -6.92
CA THR A 87 42.09 6.69 -7.46
C THR A 87 42.29 7.16 -8.90
N MET A 88 41.36 6.78 -9.76
CA MET A 88 41.45 7.15 -11.16
C MET A 88 40.33 8.14 -11.51
N LYS A 89 40.67 9.10 -12.35
CA LYS A 89 39.78 10.23 -12.62
C LYS A 89 38.71 9.88 -13.64
N ALA A 90 39.08 9.06 -14.63
CA ALA A 90 38.20 8.70 -15.74
C ALA A 90 38.44 7.28 -16.29
N ALA A 91 37.46 6.78 -17.04
CA ALA A 91 37.55 5.50 -17.69
C ALA A 91 38.73 5.45 -18.65
N SER A 92 39.30 4.26 -18.79
CA SER A 92 40.42 4.05 -19.69
C SER A 92 39.96 4.03 -21.14
N GLY A 93 40.80 4.57 -22.02
CA GLY A 93 40.60 4.47 -23.47
C GLY A 93 41.12 3.15 -23.99
N SER A 94 42.18 2.65 -23.36
CA SER A 94 42.72 1.34 -23.69
C SER A 94 43.11 0.59 -22.45
N THR A 95 43.12 -0.74 -22.58
CA THR A 95 43.58 -1.62 -21.53
C THR A 95 44.97 -1.25 -21.03
N GLY A 96 45.09 -1.12 -19.71
CA GLY A 96 46.37 -0.84 -19.10
C GLY A 96 46.94 0.53 -19.44
N ASP A 97 46.09 1.46 -19.89
CA ASP A 97 46.56 2.79 -20.31
C ASP A 97 46.96 3.71 -19.16
N GLN A 98 46.81 3.27 -17.91
CA GLN A 98 47.36 3.97 -16.77
C GLN A 98 48.34 3.02 -16.13
N LYS A 99 49.39 3.55 -15.53
CA LYS A 99 50.35 2.69 -14.86
C LYS A 99 50.91 3.33 -13.59
N VAL A 100 51.33 2.45 -12.69
CA VAL A 100 51.92 2.83 -11.43
C VAL A 100 53.27 2.12 -11.36
N GLN A 101 54.26 2.85 -10.89
CA GLN A 101 55.60 2.32 -10.75
C GLN A 101 56.00 2.54 -9.32
N ILE A 102 56.24 1.44 -8.61
CA ILE A 102 56.68 1.49 -7.24
C ILE A 102 58.15 1.18 -7.28
N SER A 103 58.98 2.15 -6.89
CA SER A 103 60.43 1.95 -6.87
C SER A 103 60.87 1.71 -5.43
N TYR A 104 61.33 0.48 -5.18
CA TYR A 104 61.89 0.09 -3.88
C TYR A 104 63.38 0.45 -3.85
N TYR A 105 63.86 1.02 -2.74
CA TYR A 105 65.29 1.31 -2.63
C TYR A 105 65.79 1.26 -1.19
N GLY A 106 67.12 1.18 -1.05
CA GLY A 106 67.77 1.10 0.25
C GLY A 106 69.10 1.86 0.25
N PRO A 107 69.78 1.87 1.41
CA PRO A 107 71.03 2.62 1.59
C PRO A 107 72.12 2.37 0.53
N LYS A 108 72.30 1.10 0.13
CA LYS A 108 73.33 0.74 -0.86
C LYS A 108 72.71 -0.04 -2.03
N THR A 109 71.41 0.16 -2.26
CA THR A 109 70.67 -0.65 -3.21
C THR A 109 70.11 0.18 -4.36
N PRO A 110 70.61 -0.03 -5.59
CA PRO A 110 69.99 0.52 -6.79
C PRO A 110 68.47 0.27 -6.85
N PRO A 111 67.67 1.30 -7.22
CA PRO A 111 66.21 1.23 -7.15
C PRO A 111 65.59 0.07 -7.93
N VAL A 112 64.76 -0.73 -7.25
CA VAL A 112 64.06 -1.87 -7.83
C VAL A 112 62.60 -1.49 -8.06
N LYS A 113 62.15 -1.61 -9.30
CA LYS A 113 60.83 -1.15 -9.68
C LYS A 113 59.87 -2.32 -9.84
N ALA A 114 58.66 -2.13 -9.33
CA ALA A 114 57.53 -3.01 -9.65
C ALA A 114 56.48 -2.20 -10.39
N LEU A 115 55.84 -2.85 -11.35
CA LEU A 115 54.92 -2.23 -12.28
C LEU A 115 53.48 -2.67 -12.03
N LEU A 116 52.55 -1.73 -12.15
CA LEU A 116 51.14 -2.02 -12.09
C LEU A 116 50.48 -1.31 -13.26
N TYR A 117 49.88 -2.11 -14.15
CA TYR A 117 49.09 -1.56 -15.27
C TYR A 117 47.61 -1.61 -14.95
N LEU A 118 46.93 -0.49 -15.12
CA LEU A 118 45.54 -0.32 -14.68
C LEU A 118 44.63 0.02 -15.87
N THR A 119 43.42 -0.49 -15.81
CA THR A 119 42.36 -0.15 -16.73
C THR A 119 41.16 0.32 -15.91
N ALA A 120 40.81 1.58 -16.05
CA ALA A 120 39.68 2.15 -15.35
C ALA A 120 38.43 1.89 -16.16
N VAL A 121 37.34 1.53 -15.49
CA VAL A 121 36.03 1.51 -16.15
C VAL A 121 34.94 2.13 -15.29
N GLU A 122 33.89 2.59 -15.96
CA GLU A 122 32.67 3.04 -15.30
C GLU A 122 31.64 1.92 -15.41
N ILE A 123 31.10 1.49 -14.27
CA ILE A 123 29.99 0.54 -14.20
C ILE A 123 28.96 1.03 -13.17
N SER A 124 27.91 1.73 -13.61
CA SER A 124 26.88 2.16 -12.66
C SER A 124 25.47 1.68 -12.98
N LEU A 125 24.89 0.99 -12.02
CA LEU A 125 23.52 0.47 -12.10
C LEU A 125 22.70 1.56 -11.44
N CYS A 126 21.79 2.18 -12.19
CA CYS A 126 21.03 3.33 -11.68
C CYS A 126 19.53 3.10 -11.65
N ALA A 127 18.89 3.66 -10.62
CA ALA A 127 17.43 3.63 -10.46
C ALA A 127 17.01 4.94 -9.81
N ASP A 128 15.71 5.19 -9.64
CA ASP A 128 15.22 6.46 -9.06
C ASP A 128 15.27 6.47 -7.53
N ILE A 129 16.49 6.50 -7.00
CA ILE A 129 16.68 6.28 -5.57
C ILE A 129 16.31 7.48 -4.71
N THR A 130 16.27 8.67 -5.32
CA THR A 130 15.78 9.87 -4.64
C THR A 130 14.26 10.07 -4.78
N ARG A 131 13.61 9.20 -5.54
CA ARG A 131 12.14 9.16 -5.63
C ARG A 131 11.58 10.36 -6.37
N THR A 132 12.13 10.62 -7.55
CA THR A 132 11.71 11.72 -8.40
C THR A 132 11.64 11.31 -9.89
N GLY A 133 12.81 10.97 -10.47
CA GLY A 133 12.92 10.60 -11.90
C GLY A 133 14.37 10.27 -12.31
N LYS A 134 14.56 9.07 -12.85
CA LYS A 134 15.89 8.54 -13.24
C LYS A 134 16.22 8.82 -14.73
N GLN A 144 24.67 4.64 -0.74
CA GLN A 144 24.38 3.43 0.03
C GLN A 144 23.37 2.54 -0.68
N ARG A 145 23.50 1.23 -0.47
CA ARG A 145 22.57 0.25 -1.04
C ARG A 145 21.74 -0.35 0.10
N THR A 146 21.04 0.56 0.77
CA THR A 146 20.05 0.25 1.81
C THR A 146 18.82 1.06 1.44
N TRP A 147 17.64 0.50 1.69
CA TRP A 147 16.39 1.23 1.50
C TRP A 147 15.97 1.89 2.81
N THR A 148 15.86 3.21 2.82
CA THR A 148 15.47 3.92 4.05
C THR A 148 14.22 4.83 3.89
N TRP A 149 13.33 4.77 4.88
CA TRP A 149 12.04 5.50 4.86
C TRP A 149 12.24 6.96 5.19
N GLY A 150 11.30 7.80 4.73
CA GLY A 150 11.24 9.19 5.16
C GLY A 150 11.68 10.19 4.11
N PRO A 151 11.46 11.48 4.37
CA PRO A 151 11.82 12.55 3.45
C PRO A 151 13.32 12.68 3.18
N CYS A 152 14.15 12.16 4.08
CA CYS A 152 15.59 12.23 3.92
C CYS A 152 16.16 10.89 3.52
N GLY A 153 15.26 9.93 3.27
CA GLY A 153 15.66 8.57 2.95
C GLY A 153 16.01 8.41 1.49
N GLN A 154 16.28 7.16 1.12
CA GLN A 154 16.81 6.82 -0.17
C GLN A 154 16.36 5.42 -0.52
N GLY A 155 16.11 5.18 -1.79
CA GLY A 155 15.71 3.85 -2.26
C GLY A 155 14.58 3.96 -3.27
N ALA A 156 14.66 3.15 -4.32
CA ALA A 156 13.70 3.20 -5.42
C ALA A 156 12.44 2.44 -5.11
N ILE A 157 11.38 2.79 -5.82
CA ILE A 157 10.09 2.16 -5.63
C ILE A 157 9.67 1.35 -6.85
N LEU A 158 9.07 0.22 -6.53
CA LEU A 158 8.59 -0.74 -7.50
C LEU A 158 7.11 -0.96 -7.25
N LEU A 159 6.29 -0.96 -8.31
CA LEU A 159 4.88 -1.24 -8.19
C LEU A 159 4.60 -2.68 -8.56
N VAL A 160 3.64 -3.30 -7.87
CA VAL A 160 3.14 -4.60 -8.35
C VAL A 160 2.32 -4.38 -9.62
N ASN A 161 2.66 -5.07 -10.70
CA ASN A 161 1.97 -4.88 -11.99
C ASN A 161 0.67 -5.67 -12.05
N CYS A 162 -0.28 -5.27 -11.20
CA CYS A 162 -1.50 -6.03 -10.94
C CYS A 162 -2.76 -5.58 -11.70
N ASP A 163 -2.59 -4.65 -12.64
CA ASP A 163 -3.70 -4.22 -13.47
C ASP A 163 -3.69 -5.00 -14.79
N ARG A 164 -4.59 -4.63 -15.69
CA ARG A 164 -4.73 -5.30 -16.99
C ARG A 164 -4.80 -4.26 -18.12
N ASP A 165 -3.63 -3.79 -18.56
CA ASP A 165 -3.57 -2.89 -19.73
C ASP A 165 -3.80 -3.65 -21.05
N ASN A 166 -3.53 -4.96 -21.10
CA ASN A 166 -3.72 -5.72 -22.34
C ASN A 166 -5.19 -5.77 -22.77
N LEU A 167 -5.36 -5.58 -24.07
CA LEU A 167 -6.62 -5.32 -24.72
C LEU A 167 -7.79 -6.23 -24.28
N GLU A 168 -8.01 -7.34 -24.98
CA GLU A 168 -9.23 -8.16 -24.79
C GLU A 168 -8.84 -9.42 -24.01
N SER A 169 -8.34 -9.20 -22.79
CA SER A 169 -7.68 -10.27 -22.01
C SER A 169 -8.26 -10.43 -20.59
N SER A 170 -7.88 -11.51 -19.92
CA SER A 170 -8.38 -11.85 -18.58
C SER A 170 -7.32 -11.78 -17.48
N ALA A 171 -6.05 -11.88 -17.86
CA ALA A 171 -4.95 -11.98 -16.89
C ALA A 171 -4.41 -10.60 -16.50
N MET A 172 -3.99 -10.45 -15.23
CA MET A 172 -3.17 -9.28 -14.87
C MET A 172 -1.88 -9.26 -15.68
N ASP A 173 -1.37 -8.08 -15.99
CA ASP A 173 -0.18 -7.94 -16.83
C ASP A 173 1.04 -8.73 -16.32
N CYS A 174 1.21 -8.84 -14.99
CA CYS A 174 2.42 -9.48 -14.42
C CYS A 174 2.40 -11.01 -14.42
N GLU A 175 1.35 -11.65 -14.93
CA GLU A 175 1.25 -13.11 -14.88
C GLU A 175 2.05 -13.85 -15.97
N ASP A 176 2.34 -13.20 -17.09
CA ASP A 176 3.14 -13.82 -18.15
C ASP A 176 4.54 -13.24 -18.10
N ASP A 177 5.40 -13.59 -19.05
CA ASP A 177 6.74 -12.98 -19.11
C ASP A 177 6.98 -12.22 -20.41
N GLU A 178 6.04 -11.34 -20.77
CA GLU A 178 6.22 -10.44 -21.90
C GLU A 178 5.59 -9.07 -21.64
N VAL A 179 6.13 -8.03 -22.28
CA VAL A 179 5.48 -6.73 -22.31
C VAL A 179 4.65 -6.71 -23.59
N LEU A 180 3.32 -6.75 -23.44
CA LEU A 180 2.41 -6.89 -24.57
C LEU A 180 1.90 -5.55 -25.07
N ASP A 181 2.02 -4.51 -24.24
CA ASP A 181 1.54 -3.16 -24.57
C ASP A 181 2.56 -2.13 -24.09
N SER A 182 2.77 -1.07 -24.89
CA SER A 182 3.77 -0.06 -24.58
C SER A 182 3.41 0.73 -23.34
N GLU A 183 2.12 1.00 -23.18
CA GLU A 183 1.60 1.63 -21.97
C GLU A 183 1.81 0.79 -20.68
N ASP A 184 2.02 -0.52 -20.83
CA ASP A 184 2.35 -1.37 -19.69
C ASP A 184 3.63 -0.89 -19.02
N LEU A 185 4.62 -0.47 -19.84
CA LEU A 185 5.90 0.05 -19.32
C LEU A 185 5.77 1.26 -18.38
N GLN A 186 4.65 1.98 -18.46
CA GLN A 186 4.40 3.09 -17.54
C GLN A 186 4.26 2.63 -16.09
N ASP A 187 3.82 1.38 -15.91
CA ASP A 187 3.66 0.82 -14.58
C ASP A 187 4.98 0.37 -14.00
N MET A 188 5.98 0.18 -14.86
CA MET A 188 7.24 -0.43 -14.47
C MET A 188 8.30 0.60 -14.08
N SER A 189 9.27 0.15 -13.29
CA SER A 189 10.35 1.01 -12.84
C SER A 189 11.57 0.91 -13.78
N LEU A 190 12.10 2.06 -14.20
CA LEU A 190 13.29 2.11 -15.04
C LEU A 190 14.55 1.91 -14.21
N MET A 191 15.41 0.99 -14.64
CA MET A 191 16.78 0.86 -14.14
C MET A 191 17.73 0.90 -15.34
N THR A 192 18.84 1.61 -15.21
CA THR A 192 19.77 1.73 -16.35
C THR A 192 21.20 1.35 -15.98
N LEU A 193 21.87 0.64 -16.88
CA LEU A 193 23.26 0.27 -16.66
C LEU A 193 24.07 1.14 -17.61
N SER A 194 24.84 2.06 -17.04
CA SER A 194 25.78 2.86 -17.79
C SER A 194 27.17 2.28 -17.60
N THR A 195 27.83 1.99 -18.70
CA THR A 195 29.21 1.53 -18.70
C THR A 195 30.06 2.45 -19.61
N LYS A 196 31.33 2.58 -19.28
CA LYS A 196 32.32 3.33 -20.08
C LYS A 196 33.63 2.56 -19.94
N THR A 197 34.04 1.92 -21.04
CA THR A 197 35.17 1.02 -21.03
C THR A 197 35.95 1.17 -22.32
N PRO A 198 37.18 0.64 -22.37
CA PRO A 198 37.85 0.46 -23.66
C PRO A 198 37.01 -0.33 -24.66
N LYS A 199 37.32 -0.18 -25.94
CA LYS A 199 36.55 -0.80 -27.02
C LYS A 199 36.60 -2.32 -27.01
N ASP A 200 37.67 -2.88 -26.46
CA ASP A 200 37.84 -4.34 -26.40
C ASP A 200 37.61 -4.93 -25.01
N PHE A 201 37.03 -4.18 -24.09
CA PHE A 201 36.97 -4.58 -22.69
C PHE A 201 36.26 -5.90 -22.42
N PHE A 202 35.18 -6.17 -23.16
CA PHE A 202 34.31 -7.33 -22.92
C PHE A 202 34.73 -8.58 -23.72
N THR A 203 35.86 -8.46 -24.39
CA THR A 203 36.64 -9.58 -24.84
C THR A 203 37.02 -10.45 -23.65
N ASN A 204 37.45 -9.82 -22.55
CA ASN A 204 38.01 -10.50 -21.39
C ASN A 204 37.23 -10.32 -20.09
N HIS A 205 36.10 -9.63 -20.17
CA HIS A 205 35.21 -9.45 -19.02
C HIS A 205 33.78 -9.61 -19.47
N THR A 206 32.90 -9.96 -18.54
CA THR A 206 31.49 -10.13 -18.84
C THR A 206 30.69 -9.59 -17.65
N LEU A 207 29.57 -8.93 -17.93
CA LEU A 207 28.64 -8.48 -16.91
C LEU A 207 27.48 -9.44 -16.81
N VAL A 208 27.08 -9.72 -15.58
CA VAL A 208 25.93 -10.57 -15.31
C VAL A 208 24.99 -9.79 -14.39
N LEU A 209 23.70 -9.85 -14.69
CA LEU A 209 22.66 -9.19 -13.89
C LEU A 209 21.98 -10.31 -13.12
N HIS A 210 21.75 -10.12 -11.83
CA HIS A 210 21.15 -11.19 -11.03
C HIS A 210 20.28 -10.76 -9.87
N VAL A 211 19.43 -11.70 -9.43
CA VAL A 211 18.56 -11.54 -8.28
C VAL A 211 18.62 -12.80 -7.48
N ALA A 212 18.58 -12.68 -6.16
CA ALA A 212 18.65 -13.84 -5.28
C ALA A 212 17.54 -14.80 -5.62
N ARG A 213 17.78 -16.11 -5.50
CA ARG A 213 16.71 -17.08 -5.78
C ARG A 213 15.52 -16.95 -4.85
N SER A 214 15.76 -16.41 -3.65
CA SER A 214 14.68 -16.20 -2.69
C SER A 214 13.77 -15.03 -3.08
N GLU A 215 14.23 -14.15 -3.96
CA GLU A 215 13.47 -12.99 -4.41
C GLU A 215 12.99 -13.08 -5.87
N MET A 216 13.47 -14.05 -6.63
CA MET A 216 13.21 -14.07 -8.07
C MET A 216 11.73 -14.34 -8.43
N ASP A 217 10.96 -14.92 -7.53
CA ASP A 217 9.54 -15.16 -7.77
C ASP A 217 8.68 -13.89 -7.60
N LYS A 218 9.29 -12.79 -7.18
CA LYS A 218 8.54 -11.58 -6.83
C LYS A 218 8.87 -10.39 -7.72
N VAL A 219 9.67 -10.64 -8.75
CA VAL A 219 10.11 -9.58 -9.62
C VAL A 219 10.30 -10.17 -11.01
N ARG A 220 10.21 -9.30 -12.00
CA ARG A 220 10.57 -9.67 -13.36
C ARG A 220 11.20 -8.46 -14.00
N VAL A 221 12.30 -8.66 -14.74
CA VAL A 221 12.96 -7.51 -15.38
C VAL A 221 13.17 -7.77 -16.85
N PHE A 222 12.90 -6.74 -17.64
CA PHE A 222 12.94 -6.77 -19.10
C PHE A 222 14.05 -5.87 -19.58
N GLN A 223 14.71 -6.26 -20.66
CA GLN A 223 15.72 -5.41 -21.28
C GLN A 223 15.10 -4.70 -22.48
N ALA A 224 15.28 -3.38 -22.54
CA ALA A 224 14.77 -2.56 -23.63
C ALA A 224 15.85 -2.28 -24.70
N THR A 225 15.40 -2.09 -25.93
CA THR A 225 16.26 -1.87 -27.10
C THR A 225 15.76 -0.68 -27.89
N CYS A 233 11.46 -5.11 -25.89
CA CYS A 233 11.51 -5.67 -24.53
C CYS A 233 11.50 -7.18 -24.49
N SER A 234 12.46 -7.77 -23.78
CA SER A 234 12.38 -9.19 -23.44
C SER A 234 12.99 -9.49 -22.08
N VAL A 235 12.40 -10.49 -21.41
CA VAL A 235 12.81 -10.88 -20.07
C VAL A 235 14.28 -11.23 -20.00
N VAL A 236 14.91 -10.73 -18.94
CA VAL A 236 16.25 -11.16 -18.58
C VAL A 236 16.24 -11.82 -17.22
N LEU A 237 15.43 -11.32 -16.29
CA LEU A 237 15.31 -11.90 -14.95
C LEU A 237 13.87 -12.09 -14.51
N GLY A 238 13.64 -13.13 -13.70
CA GLY A 238 12.30 -13.43 -13.24
C GLY A 238 12.18 -14.77 -12.57
N PRO A 239 10.94 -15.19 -12.28
CA PRO A 239 10.67 -16.41 -11.55
C PRO A 239 11.48 -17.62 -12.00
N LYS A 240 11.76 -17.76 -13.29
CA LYS A 240 12.56 -18.94 -13.71
C LYS A 240 14.07 -18.70 -13.82
N TRP A 241 14.48 -17.43 -13.77
CA TRP A 241 15.79 -16.96 -14.21
C TRP A 241 16.37 -15.95 -13.25
N PRO A 242 17.22 -16.42 -12.32
CA PRO A 242 17.84 -15.47 -11.38
C PRO A 242 19.09 -14.74 -11.86
N SER A 243 19.61 -15.10 -13.02
CA SER A 243 20.80 -14.41 -13.57
C SER A 243 20.84 -14.46 -15.11
N HIS A 244 21.47 -13.44 -15.71
CA HIS A 244 21.56 -13.31 -17.17
C HIS A 244 22.85 -12.60 -17.56
N TYR A 245 23.53 -13.16 -18.55
CA TYR A 245 24.73 -12.54 -19.09
C TYR A 245 24.31 -11.44 -20.03
N LEU A 246 24.74 -10.22 -19.74
CA LEU A 246 24.41 -9.06 -20.54
C LEU A 246 25.34 -8.98 -21.72
N MET A 247 24.79 -8.64 -22.89
CA MET A 247 25.60 -8.48 -24.09
C MET A 247 25.88 -7.00 -24.25
N VAL A 248 27.10 -6.61 -23.93
CA VAL A 248 27.48 -5.20 -23.75
C VAL A 248 28.71 -4.90 -24.61
N PRO A 249 28.64 -3.87 -25.47
CA PRO A 249 29.79 -3.44 -26.26
C PRO A 249 30.72 -2.52 -25.47
N GLY A 250 31.99 -2.51 -25.84
CA GLY A 250 32.98 -1.64 -25.20
C GLY A 250 32.73 -0.19 -25.58
N GLY A 251 33.49 0.71 -24.97
CA GLY A 251 33.23 2.14 -25.10
C GLY A 251 32.16 2.59 -24.14
N LYS A 252 31.40 3.60 -24.54
CA LYS A 252 30.32 4.17 -23.74
C LYS A 252 29.00 3.55 -24.17
N HIS A 253 28.25 3.01 -23.23
CA HIS A 253 26.96 2.38 -23.53
C HIS A 253 25.96 2.57 -22.41
N ASN A 254 24.69 2.64 -22.76
CA ASN A 254 23.63 2.71 -21.79
C ASN A 254 22.53 1.72 -22.14
N MET A 255 22.18 0.89 -21.16
CA MET A 255 21.25 -0.20 -21.33
C MET A 255 20.11 -0.04 -20.35
N ASP A 256 18.88 0.00 -20.86
CA ASP A 256 17.70 0.29 -20.07
C ASP A 256 16.97 -1.00 -19.74
N PHE A 257 16.54 -1.12 -18.49
CA PHE A 257 15.69 -2.21 -18.03
C PHE A 257 14.42 -1.70 -17.40
N TYR A 258 13.34 -2.46 -17.55
CA TYR A 258 12.08 -2.18 -16.89
C TYR A 258 11.76 -3.31 -15.95
N VAL A 259 11.44 -2.94 -14.71
CA VAL A 259 11.22 -3.87 -13.62
C VAL A 259 9.75 -3.81 -13.16
N GLU A 260 9.12 -4.98 -13.02
CA GLU A 260 7.79 -5.10 -12.40
C GLU A 260 7.85 -5.99 -11.16
N ALA A 261 7.16 -5.58 -10.09
CA ALA A 261 6.97 -6.48 -8.94
C ALA A 261 5.78 -7.38 -9.20
N LEU A 262 5.83 -8.58 -8.62
CA LEU A 262 4.80 -9.59 -8.84
C LEU A 262 4.04 -10.00 -7.57
N ALA A 263 4.38 -9.43 -6.43
CA ALA A 263 3.79 -9.79 -5.16
C ALA A 263 3.84 -8.57 -4.25
N PHE A 264 2.78 -8.33 -3.48
CA PHE A 264 2.73 -7.26 -2.45
C PHE A 264 3.51 -7.63 -1.22
N PRO A 265 3.95 -6.63 -0.40
CA PRO A 265 4.48 -7.06 0.89
C PRO A 265 3.49 -7.98 1.63
N ASP A 266 3.99 -8.90 2.44
CA ASP A 266 3.14 -9.87 3.15
C ASP A 266 3.94 -10.59 4.24
N THR A 267 3.29 -11.37 5.12
CA THR A 267 4.02 -12.17 6.12
C THR A 267 5.34 -12.76 5.62
N ASP A 268 5.34 -13.31 4.41
CA ASP A 268 6.53 -13.95 3.85
C ASP A 268 7.44 -13.01 3.02
N PHE A 269 7.15 -11.71 3.00
CA PHE A 269 7.85 -10.80 2.08
C PHE A 269 7.79 -9.39 2.62
N PRO A 270 8.87 -8.97 3.30
CA PRO A 270 9.03 -7.63 3.81
C PRO A 270 8.86 -6.49 2.80
N GLY A 271 9.02 -6.76 1.51
CA GLY A 271 8.79 -5.75 0.50
C GLY A 271 10.00 -5.24 -0.24
N LEU A 272 11.17 -5.80 0.03
CA LEU A 272 12.43 -5.41 -0.65
C LEU A 272 12.93 -6.39 -1.72
N ILE A 273 13.32 -5.84 -2.87
CA ILE A 273 13.95 -6.56 -3.98
C ILE A 273 15.31 -5.92 -4.32
N THR A 274 16.36 -6.74 -4.34
CA THR A 274 17.71 -6.28 -4.66
C THR A 274 18.09 -6.88 -6.01
N LEU A 275 18.58 -6.04 -6.91
CA LEU A 275 19.07 -6.45 -8.22
C LEU A 275 20.52 -6.07 -8.24
N THR A 276 21.34 -6.97 -8.76
CA THR A 276 22.80 -6.82 -8.69
C THR A 276 23.40 -7.06 -10.05
N ILE A 277 24.40 -6.22 -10.36
CA ILE A 277 25.27 -6.36 -11.52
C ILE A 277 26.62 -6.83 -11.01
N SER A 278 27.12 -7.93 -11.57
CA SER A 278 28.49 -8.40 -11.29
C SER A 278 29.37 -8.31 -12.56
N LEU A 279 30.58 -7.75 -12.40
CA LEU A 279 31.60 -7.73 -13.44
C LEU A 279 32.57 -8.90 -13.21
N LEU A 280 32.67 -9.75 -14.22
CA LEU A 280 33.43 -10.98 -14.14
C LEU A 280 34.65 -10.94 -15.05
N ASP A 281 35.78 -11.42 -14.55
CA ASP A 281 37.00 -11.56 -15.32
C ASP A 281 36.98 -12.93 -15.96
N THR A 282 36.94 -12.94 -17.28
CA THR A 282 36.88 -14.17 -18.06
C THR A 282 38.14 -14.34 -18.93
N SER A 283 39.24 -13.69 -18.51
CA SER A 283 40.52 -13.69 -19.23
C SER A 283 41.21 -15.02 -19.41
N ASN A 284 40.97 -15.95 -18.51
CA ASN A 284 41.69 -17.22 -18.46
C ASN A 284 40.74 -18.32 -18.86
N LEU A 285 40.98 -18.94 -20.01
CA LEU A 285 40.11 -19.97 -20.60
C LEU A 285 40.09 -21.26 -19.80
N GLU A 286 41.11 -21.42 -18.96
CA GLU A 286 41.31 -22.63 -18.16
C GLU A 286 40.94 -22.41 -16.68
N LEU A 287 40.42 -21.24 -16.34
CA LEU A 287 39.99 -20.96 -14.98
C LEU A 287 38.52 -20.49 -14.97
N PRO A 288 37.79 -20.77 -13.87
CA PRO A 288 36.46 -20.22 -13.73
C PRO A 288 36.46 -18.72 -13.78
N GLU A 289 35.31 -18.13 -14.06
CA GLU A 289 35.17 -16.68 -14.01
C GLU A 289 35.41 -16.14 -12.59
N ALA A 290 35.95 -14.92 -12.50
CA ALA A 290 36.30 -14.32 -11.21
C ALA A 290 35.56 -13.00 -11.06
N VAL A 291 34.84 -12.84 -9.95
CA VAL A 291 34.10 -11.62 -9.73
C VAL A 291 35.09 -10.56 -9.33
N VAL A 292 35.05 -9.42 -10.02
CA VAL A 292 35.90 -8.32 -9.66
C VAL A 292 35.14 -7.12 -9.06
N PHE A 293 33.83 -7.07 -9.27
CA PHE A 293 33.02 -5.93 -8.84
C PHE A 293 31.54 -6.32 -8.82
N GLN A 294 30.86 -5.94 -7.74
CA GLN A 294 29.41 -5.98 -7.70
C GLN A 294 28.84 -4.66 -7.25
N ASP A 295 27.67 -4.34 -7.80
CA ASP A 295 26.87 -3.22 -7.32
C ASP A 295 25.39 -3.59 -7.39
N SER A 296 24.59 -2.89 -6.57
CA SER A 296 23.17 -3.21 -6.45
C SER A 296 22.28 -1.99 -6.38
N VAL A 297 21.01 -2.22 -6.67
CA VAL A 297 19.95 -1.31 -6.31
C VAL A 297 18.89 -2.12 -5.54
N VAL A 298 18.39 -1.55 -4.45
CA VAL A 298 17.32 -2.13 -3.66
C VAL A 298 16.02 -1.38 -3.96
N PHE A 299 14.99 -2.10 -4.40
CA PHE A 299 13.66 -1.55 -4.57
C PHE A 299 12.76 -1.93 -3.39
N ARG A 300 11.88 -1.02 -2.99
CA ARG A 300 10.76 -1.42 -2.16
C ARG A 300 9.50 -1.48 -2.99
N VAL A 301 8.76 -2.59 -2.83
CA VAL A 301 7.46 -2.76 -3.42
C VAL A 301 6.45 -1.88 -2.66
N ALA A 302 5.68 -1.14 -3.45
CA ALA A 302 4.65 -0.25 -2.92
C ALA A 302 3.53 -1.06 -2.30
N PRO A 303 3.08 -0.63 -1.09
CA PRO A 303 1.96 -1.29 -0.45
C PRO A 303 0.63 -0.84 -0.97
N TRP A 304 -0.39 -1.66 -0.73
CA TRP A 304 -1.78 -1.34 -1.01
C TRP A 304 -2.26 -0.41 0.12
N ILE A 305 -2.80 0.76 -0.26
CA ILE A 305 -3.23 1.82 0.64
C ILE A 305 -4.74 2.12 0.45
N MET A 306 -5.46 2.20 1.56
CA MET A 306 -6.91 2.50 1.53
C MET A 306 -7.13 4.00 1.67
N THR A 307 -8.33 4.44 1.28
CA THR A 307 -8.75 5.85 1.37
C THR A 307 -9.96 6.02 2.28
N PRO A 308 -9.84 6.89 3.30
CA PRO A 308 -10.94 7.14 4.23
C PRO A 308 -12.04 7.99 3.61
N ASN A 309 -13.13 8.17 4.35
CA ASN A 309 -14.30 8.92 3.90
C ASN A 309 -14.06 10.40 3.70
N THR A 310 -12.91 10.87 4.18
CA THR A 310 -12.51 12.26 4.12
C THR A 310 -11.72 12.62 2.87
N GLN A 311 -11.29 11.61 2.12
CA GLN A 311 -10.69 11.81 0.81
C GLN A 311 -11.78 11.98 -0.23
N PRO A 312 -11.62 12.98 -1.13
CA PRO A 312 -12.68 13.32 -2.10
C PRO A 312 -13.06 12.12 -2.98
N PRO A 313 -14.37 11.90 -3.16
CA PRO A 313 -14.84 10.77 -3.94
C PRO A 313 -14.71 11.00 -5.45
N GLN A 314 -14.41 9.94 -6.19
CA GLN A 314 -14.22 9.97 -7.63
C GLN A 314 -15.21 9.11 -8.39
N GLU A 315 -15.65 8.01 -7.79
CA GLU A 315 -16.54 7.09 -8.43
C GLU A 315 -17.33 6.33 -7.38
N VAL A 316 -18.65 6.22 -7.61
CA VAL A 316 -19.55 5.55 -6.69
C VAL A 316 -20.05 4.25 -7.35
N TYR A 317 -20.17 3.20 -6.55
CA TYR A 317 -20.61 1.91 -7.05
C TYR A 317 -21.88 1.50 -6.33
N ALA A 318 -22.79 0.96 -7.11
CA ALA A 318 -23.96 0.32 -6.57
C ALA A 318 -24.32 -0.80 -7.51
N CYS A 319 -24.98 -1.79 -6.97
CA CYS A 319 -25.46 -2.86 -7.77
C CYS A 319 -26.85 -2.95 -7.25
N SER A 320 -27.59 -1.94 -7.67
CA SER A 320 -28.91 -1.66 -7.20
C SER A 320 -29.86 -1.98 -8.33
N ILE A 321 -29.30 -2.53 -9.40
CA ILE A 321 -30.10 -3.26 -10.35
C ILE A 321 -30.39 -4.54 -9.59
N PHE A 322 -31.49 -4.49 -8.87
CA PHE A 322 -32.23 -5.66 -8.47
C PHE A 322 -33.62 -5.07 -8.21
N GLU A 323 -34.43 -5.63 -7.30
CA GLU A 323 -35.82 -5.16 -7.15
C GLU A 323 -36.10 -3.64 -7.26
N ASN A 324 -35.29 -2.78 -6.60
CA ASN A 324 -35.72 -1.39 -6.34
C ASN A 324 -34.88 -0.16 -6.78
N GLU A 325 -35.59 0.75 -7.49
CA GLU A 325 -35.01 1.80 -8.35
C GLU A 325 -34.96 3.19 -7.74
N ASP A 326 -35.75 3.45 -6.71
CA ASP A 326 -35.79 4.79 -6.09
C ASP A 326 -34.55 4.99 -5.21
N PHE A 327 -34.16 3.93 -4.50
CA PHE A 327 -32.86 3.89 -3.81
C PHE A 327 -31.78 4.30 -4.79
N LEU A 328 -31.73 3.59 -5.90
CA LEU A 328 -30.73 3.82 -6.95
C LEU A 328 -30.82 5.26 -7.51
N LYS A 329 -32.04 5.81 -7.57
CA LYS A 329 -32.24 7.18 -8.01
C LYS A 329 -31.57 8.18 -7.05
N SER A 330 -31.73 7.93 -5.76
CA SER A 330 -31.16 8.80 -4.72
C SER A 330 -29.63 8.83 -4.72
N VAL A 331 -28.99 7.65 -4.78
CA VAL A 331 -27.51 7.63 -4.83
C VAL A 331 -27.01 8.25 -6.15
N THR A 332 -27.75 8.03 -7.25
CA THR A 332 -27.40 8.65 -8.53
C THR A 332 -27.43 10.19 -8.43
N THR A 333 -28.42 10.73 -7.71
CA THR A 333 -28.47 12.18 -7.48
C THR A 333 -27.29 12.67 -6.61
N LEU A 334 -26.95 11.91 -5.58
CA LEU A 334 -25.79 12.23 -4.73
C LEU A 334 -24.49 12.20 -5.50
N ALA A 335 -24.32 11.18 -6.32
CA ALA A 335 -23.11 11.05 -7.15
C ALA A 335 -23.00 12.27 -8.06
N MET A 336 -24.09 12.56 -8.78
CA MET A 336 -24.13 13.74 -9.66
C MET A 336 -23.73 14.98 -8.86
N LYS A 337 -24.39 15.18 -7.72
CA LYS A 337 -24.07 16.28 -6.82
C LYS A 337 -22.58 16.35 -6.47
N ALA A 338 -21.99 15.20 -6.13
CA ALA A 338 -20.57 15.14 -5.73
C ALA A 338 -19.55 15.02 -6.89
N LYS A 339 -20.02 15.17 -8.12
CA LYS A 339 -19.19 15.14 -9.33
C LYS A 339 -18.50 13.80 -9.55
N CYS A 340 -19.16 12.70 -9.16
CA CYS A 340 -18.55 11.39 -9.26
C CYS A 340 -19.02 10.63 -10.48
N LYS A 341 -18.11 9.86 -11.06
CA LYS A 341 -18.53 8.81 -11.97
C LYS A 341 -19.42 7.86 -11.20
N LEU A 342 -20.32 7.20 -11.91
CA LEU A 342 -21.20 6.26 -11.28
C LEU A 342 -21.16 4.95 -12.04
N THR A 343 -20.90 3.83 -11.35
CA THR A 343 -21.08 2.53 -12.02
C THR A 343 -21.96 1.59 -11.22
N ILE A 344 -22.79 0.88 -11.97
CA ILE A 344 -23.85 0.06 -11.44
C ILE A 344 -23.76 -1.36 -12.00
N CYS A 345 -23.98 -2.34 -11.13
CA CYS A 345 -23.88 -3.73 -11.49
C CYS A 345 -25.27 -4.35 -11.60
N PRO A 346 -25.62 -4.87 -12.78
CA PRO A 346 -26.97 -5.35 -13.02
C PRO A 346 -27.24 -6.72 -12.40
N GLU A 347 -28.52 -7.07 -12.29
CA GLU A 347 -28.96 -8.28 -11.61
C GLU A 347 -28.38 -9.56 -12.25
N GLU A 348 -28.22 -9.53 -13.57
CA GLU A 348 -27.67 -10.66 -14.34
C GLU A 348 -26.23 -10.99 -13.94
N GLU A 349 -25.53 -10.01 -13.36
CA GLU A 349 -24.17 -10.18 -12.88
C GLU A 349 -24.12 -10.23 -11.34
N ASN A 350 -24.97 -9.43 -10.69
CA ASN A 350 -25.19 -9.44 -9.22
C ASN A 350 -25.49 -10.81 -8.66
N MET A 351 -26.29 -11.55 -9.41
CA MET A 351 -26.94 -12.76 -8.89
C MET A 351 -27.73 -12.45 -7.63
N ASP A 352 -28.36 -11.26 -7.60
CA ASP A 352 -29.21 -10.81 -6.48
C ASP A 352 -28.43 -10.47 -5.23
N ASP A 353 -27.13 -10.23 -5.40
CA ASP A 353 -26.26 -9.75 -4.33
C ASP A 353 -26.15 -8.24 -4.40
N GLN A 354 -26.83 -7.56 -3.49
CA GLN A 354 -26.89 -6.10 -3.49
C GLN A 354 -25.84 -5.42 -2.61
N TRP A 355 -24.97 -6.19 -1.95
CA TRP A 355 -24.08 -5.59 -0.94
C TRP A 355 -22.73 -5.19 -1.54
N MET A 356 -22.78 -4.12 -2.32
CA MET A 356 -21.61 -3.58 -3.03
C MET A 356 -20.46 -3.18 -2.10
N GLN A 357 -20.77 -2.89 -0.83
CA GLN A 357 -19.74 -2.56 0.16
C GLN A 357 -18.81 -3.73 0.47
N ASP A 358 -19.32 -4.93 0.33
CA ASP A 358 -18.76 -6.04 1.06
C ASP A 358 -17.79 -6.92 0.31
N GLU A 359 -17.93 -7.00 -1.01
CA GLU A 359 -17.07 -7.86 -1.80
C GLU A 359 -15.76 -7.17 -2.16
N MET A 360 -15.61 -5.85 -1.90
CA MET A 360 -14.39 -5.19 -2.32
C MET A 360 -14.08 -3.88 -1.58
N GLU A 361 -12.80 -3.52 -1.69
CA GLU A 361 -12.28 -2.28 -1.14
C GLU A 361 -11.31 -1.71 -2.15
N ILE A 362 -11.55 -0.46 -2.54
CA ILE A 362 -10.80 0.17 -3.61
C ILE A 362 -9.80 1.01 -2.90
N GLY A 363 -8.53 0.63 -3.09
CA GLY A 363 -7.38 1.37 -2.57
C GLY A 363 -6.53 1.87 -3.71
N TYR A 364 -5.25 2.05 -3.47
CA TYR A 364 -4.32 2.45 -4.52
C TYR A 364 -2.88 1.99 -4.23
N ILE A 365 -2.04 2.06 -5.26
CA ILE A 365 -0.61 1.91 -5.12
C ILE A 365 0.00 3.11 -5.81
N GLN A 366 1.17 3.52 -5.32
CA GLN A 366 1.73 4.80 -5.66
C GLN A 366 3.26 4.69 -5.76
N ALA A 367 3.78 5.05 -6.94
CA ALA A 367 5.20 5.26 -7.12
C ALA A 367 5.40 6.66 -7.70
N PRO A 368 6.63 7.17 -7.64
CA PRO A 368 6.87 8.53 -8.18
C PRO A 368 6.48 8.66 -9.65
N HIS A 369 6.53 7.57 -10.39
CA HIS A 369 6.25 7.60 -11.82
C HIS A 369 4.80 7.25 -12.16
N LYS A 370 4.06 6.76 -11.17
CA LYS A 370 2.77 6.14 -11.44
C LYS A 370 2.00 5.82 -10.17
N THR A 371 0.74 6.25 -10.16
CA THR A 371 -0.22 5.94 -9.12
C THR A 371 -1.45 5.34 -9.82
N LEU A 372 -2.01 4.28 -9.28
CA LEU A 372 -3.24 3.71 -9.84
C LEU A 372 -4.11 3.06 -8.77
N PRO A 373 -5.43 3.06 -9.01
CA PRO A 373 -6.29 2.43 -8.06
C PRO A 373 -6.16 0.93 -8.15
N VAL A 374 -6.45 0.25 -7.05
CA VAL A 374 -6.29 -1.20 -6.95
C VAL A 374 -7.41 -1.77 -6.08
N VAL A 375 -8.16 -2.71 -6.60
CA VAL A 375 -9.28 -3.35 -5.87
C VAL A 375 -8.77 -4.49 -5.04
N PHE A 376 -8.98 -4.44 -3.75
CA PHE A 376 -8.81 -5.62 -2.91
C PHE A 376 -10.14 -6.37 -2.93
N ASP A 377 -10.11 -7.57 -3.50
CA ASP A 377 -11.28 -8.43 -3.67
C ASP A 377 -11.43 -9.32 -2.43
N SER A 378 -12.57 -9.23 -1.76
CA SER A 378 -12.81 -10.03 -0.54
C SER A 378 -13.04 -11.47 -0.95
N PRO A 379 -12.55 -12.43 -0.14
CA PRO A 379 -12.94 -13.83 -0.32
C PRO A 379 -14.41 -14.13 0.02
N ARG A 380 -15.17 -13.15 0.51
CA ARG A 380 -16.62 -13.28 0.64
C ARG A 380 -17.21 -14.18 -0.47
N ASN A 381 -16.92 -13.83 -1.72
CA ASN A 381 -17.35 -14.63 -2.91
C ASN A 381 -18.84 -15.02 -2.96
N ARG A 382 -19.70 -14.05 -2.70
CA ARG A 382 -21.13 -14.24 -2.90
C ARG A 382 -21.50 -13.79 -4.34
N GLY A 383 -22.76 -13.43 -4.59
CA GLY A 383 -23.18 -13.12 -5.96
C GLY A 383 -22.34 -12.11 -6.72
N LEU A 384 -21.74 -11.17 -6.00
CA LEU A 384 -20.83 -10.16 -6.58
C LEU A 384 -19.42 -10.68 -6.84
N LYS A 385 -19.19 -11.99 -6.75
CA LYS A 385 -17.81 -12.52 -6.82
C LYS A 385 -17.07 -12.04 -8.08
N GLU A 386 -17.73 -12.03 -9.24
CA GLU A 386 -17.05 -11.74 -10.51
C GLU A 386 -16.80 -10.25 -10.77
N PHE A 387 -17.51 -9.38 -10.03
CA PHE A 387 -17.49 -7.94 -10.32
C PHE A 387 -16.11 -7.29 -10.24
N PRO A 388 -15.34 -7.53 -9.16
CA PRO A 388 -14.00 -6.95 -9.13
C PRO A 388 -13.09 -7.42 -10.27
N ILE A 389 -13.15 -8.72 -10.57
CA ILE A 389 -12.36 -9.33 -11.64
C ILE A 389 -12.78 -8.83 -13.02
N LYS A 390 -14.07 -8.93 -13.31
CA LYS A 390 -14.57 -8.67 -14.67
C LYS A 390 -14.88 -7.19 -14.98
N ARG A 391 -15.13 -6.38 -13.94
CA ARG A 391 -15.63 -5.01 -14.14
C ARG A 391 -14.79 -3.89 -13.54
N VAL A 392 -14.07 -4.18 -12.47
CA VAL A 392 -13.28 -3.14 -11.78
C VAL A 392 -11.82 -3.17 -12.22
N MET A 393 -11.18 -4.36 -12.21
CA MET A 393 -9.81 -4.40 -12.70
C MET A 393 -9.81 -4.21 -14.21
N GLY A 394 -8.75 -3.58 -14.71
CA GLY A 394 -8.64 -3.24 -16.13
C GLY A 394 -7.52 -2.24 -16.31
N PRO A 395 -7.52 -1.51 -17.44
CA PRO A 395 -6.49 -0.51 -17.69
C PRO A 395 -6.35 0.49 -16.55
N ASP A 396 -5.20 0.48 -15.89
CA ASP A 396 -4.87 1.38 -14.79
C ASP A 396 -5.77 1.21 -13.54
N PHE A 397 -6.31 0.00 -13.41
CA PHE A 397 -7.04 -0.40 -12.23
C PHE A 397 -6.54 -1.80 -11.82
N GLY A 398 -5.83 -1.84 -10.71
CA GLY A 398 -5.19 -3.09 -10.27
C GLY A 398 -6.12 -4.00 -9.48
N TYR A 399 -5.58 -5.17 -9.16
CA TYR A 399 -6.32 -6.23 -8.49
C TYR A 399 -5.43 -6.95 -7.47
N VAL A 400 -5.93 -7.10 -6.23
CA VAL A 400 -5.38 -7.98 -5.21
C VAL A 400 -6.52 -8.80 -4.59
N THR A 401 -6.22 -10.04 -4.22
CA THR A 401 -7.11 -10.79 -3.32
C THR A 401 -6.33 -11.64 -2.32
N ARG A 402 -6.98 -11.97 -1.21
CA ARG A 402 -6.38 -12.84 -0.18
C ARG A 402 -7.45 -13.79 0.40
N GLY A 403 -6.97 -14.80 1.14
CA GLY A 403 -7.86 -15.77 1.81
C GLY A 403 -8.25 -16.95 0.96
N PRO A 404 -8.86 -17.98 1.58
CA PRO A 404 -9.40 -19.12 0.86
C PRO A 404 -10.62 -18.71 0.07
N GLN A 405 -10.69 -19.18 -1.17
CA GLN A 405 -11.73 -18.74 -2.10
C GLN A 405 -12.91 -19.69 -2.21
N THR A 406 -12.83 -20.87 -1.61
CA THR A 406 -13.95 -21.83 -1.67
C THR A 406 -14.59 -22.22 -0.33
N GLY A 407 -14.28 -21.47 0.73
CA GLY A 407 -14.89 -21.66 2.05
C GLY A 407 -13.93 -21.15 3.11
N GLY A 408 -14.19 -21.44 4.38
CA GLY A 408 -13.24 -21.16 5.48
C GLY A 408 -13.24 -19.70 5.89
N ILE A 409 -14.39 -19.07 5.68
CA ILE A 409 -14.53 -17.64 5.72
C ILE A 409 -15.61 -17.27 6.74
N SER A 410 -15.81 -15.98 6.97
CA SER A 410 -16.82 -15.51 7.90
C SER A 410 -17.32 -14.14 7.47
N GLY A 411 -18.34 -13.66 8.16
CA GLY A 411 -18.92 -12.37 7.87
C GLY A 411 -17.98 -11.21 8.15
N LEU A 412 -17.01 -11.42 9.02
CA LEU A 412 -16.05 -10.37 9.29
C LEU A 412 -15.03 -10.22 8.16
N ASP A 413 -15.12 -11.05 7.12
CA ASP A 413 -14.30 -10.92 5.90
C ASP A 413 -14.92 -10.05 4.80
N SER A 414 -16.17 -9.65 4.99
CA SER A 414 -16.85 -8.68 4.14
C SER A 414 -16.26 -7.30 4.43
N PHE A 415 -16.06 -6.48 3.40
CA PHE A 415 -15.31 -5.26 3.56
C PHE A 415 -16.12 -4.08 4.07
N GLY A 416 -17.37 -4.35 4.45
CA GLY A 416 -18.07 -3.48 5.39
C GLY A 416 -17.36 -3.45 6.73
N ASN A 417 -16.59 -4.51 6.99
CA ASN A 417 -15.77 -4.63 8.19
C ASN A 417 -14.31 -4.15 8.03
N LEU A 418 -14.03 -3.41 6.96
CA LEU A 418 -12.73 -2.91 6.61
C LEU A 418 -12.86 -1.41 6.27
N GLU A 419 -12.31 -0.58 7.13
CA GLU A 419 -12.40 0.86 6.98
C GLU A 419 -11.02 1.45 7.34
N VAL A 420 -10.85 2.78 7.20
CA VAL A 420 -9.63 3.51 7.59
C VAL A 420 -10.02 4.85 8.19
N SER A 421 -9.20 5.31 9.11
CA SER A 421 -9.41 6.60 9.73
C SER A 421 -8.76 7.66 8.85
N PRO A 422 -9.12 8.94 9.06
CA PRO A 422 -8.37 9.99 8.41
C PRO A 422 -6.97 10.11 9.00
N PRO A 423 -6.12 10.94 8.39
CA PRO A 423 -4.83 11.19 8.98
C PRO A 423 -4.93 11.61 10.45
N VAL A 424 -4.08 11.04 11.26
CA VAL A 424 -4.10 11.31 12.66
C VAL A 424 -2.67 11.31 13.23
N THR A 425 -2.47 12.04 14.31
CA THR A 425 -1.21 12.01 15.05
C THR A 425 -1.53 11.54 16.49
N VAL A 426 -0.85 10.48 16.91
CA VAL A 426 -1.17 9.81 18.17
C VAL A 426 0.04 9.87 19.10
N ARG A 427 -0.03 10.74 20.10
CA ARG A 427 1.03 10.92 21.09
C ARG A 427 2.37 11.14 20.39
N GLY A 428 2.36 12.08 19.45
CA GLY A 428 3.56 12.43 18.69
C GLY A 428 3.88 11.57 17.48
N LYS A 429 3.28 10.37 17.39
CA LYS A 429 3.46 9.48 16.22
C LYS A 429 2.42 9.75 15.15
N GLU A 430 2.90 10.09 13.97
CA GLU A 430 2.09 10.60 12.89
C GLU A 430 1.66 9.44 11.99
N TYR A 431 0.37 9.40 11.66
CA TYR A 431 -0.17 8.43 10.72
C TYR A 431 -0.81 9.21 9.58
N PRO A 432 0.01 9.67 8.61
CA PRO A 432 -0.46 10.64 7.60
C PRO A 432 -1.39 10.01 6.54
N LEU A 433 -1.56 8.71 6.59
CA LEU A 433 -2.48 8.04 5.70
C LEU A 433 -3.63 7.41 6.50
N GLY A 434 -3.69 7.73 7.78
CA GLY A 434 -4.69 7.11 8.65
C GLY A 434 -4.28 5.72 9.09
N ARG A 435 -5.26 4.99 9.59
CA ARG A 435 -5.03 3.75 10.32
C ARG A 435 -6.19 2.87 9.94
N ILE A 436 -5.89 1.72 9.37
CA ILE A 436 -6.92 0.74 9.02
C ILE A 436 -7.62 0.29 10.32
N LEU A 437 -8.93 0.12 10.22
CA LEU A 437 -9.78 -0.29 11.31
C LEU A 437 -10.51 -1.49 10.78
N PHE A 438 -10.48 -2.61 11.52
CA PHE A 438 -11.33 -3.72 11.21
C PHE A 438 -11.82 -4.39 12.48
N GLY A 439 -12.96 -5.02 12.37
CA GLY A 439 -13.67 -5.49 13.54
C GLY A 439 -13.32 -6.92 13.92
N ASP A 440 -13.35 -7.18 15.22
CA ASP A 440 -12.96 -8.48 15.78
C ASP A 440 -13.89 -8.88 16.96
N SER A 441 -13.58 -10.00 17.61
CA SER A 441 -14.17 -10.34 18.89
C SER A 441 -13.26 -9.75 19.96
N CYS A 442 -13.67 -9.79 21.21
CA CYS A 442 -12.81 -9.27 22.28
C CYS A 442 -11.80 -10.30 22.74
N TYR A 443 -12.18 -11.58 22.62
CA TYR A 443 -11.24 -12.68 22.82
C TYR A 443 -11.73 -13.87 21.98
N PRO A 444 -10.82 -14.77 21.58
CA PRO A 444 -11.20 -15.92 20.77
C PRO A 444 -11.93 -17.00 21.59
N SER A 445 -13.17 -17.31 21.23
CA SER A 445 -13.93 -18.41 21.84
C SER A 445 -14.48 -19.36 20.77
N ASN A 446 -15.15 -20.42 21.18
CA ASN A 446 -15.73 -21.36 20.22
C ASN A 446 -16.75 -20.71 19.31
N ASP A 447 -17.40 -19.63 19.77
CA ASP A 447 -18.48 -19.00 19.04
C ASP A 447 -18.10 -17.64 18.45
N SER A 448 -16.89 -17.17 18.69
CA SER A 448 -16.42 -15.87 18.18
C SER A 448 -15.97 -15.95 16.74
N ARG A 449 -16.07 -14.83 16.02
CA ARG A 449 -15.61 -14.72 14.65
C ARG A 449 -14.46 -13.74 14.54
N GLN A 450 -13.65 -13.91 13.49
CA GLN A 450 -12.59 -12.96 13.16
C GLN A 450 -12.50 -12.89 11.64
N MET A 451 -11.88 -11.81 11.18
CA MET A 451 -11.42 -11.71 9.83
C MET A 451 -10.28 -12.70 9.67
N HIS A 452 -10.25 -13.33 8.51
CA HIS A 452 -9.33 -14.40 8.27
C HIS A 452 -7.90 -13.91 8.46
N GLN A 453 -7.04 -14.74 9.05
CA GLN A 453 -5.68 -14.32 9.36
C GLN A 453 -4.91 -13.87 8.12
N ALA A 454 -5.14 -14.54 7.00
CA ALA A 454 -4.46 -14.16 5.76
C ALA A 454 -4.71 -12.68 5.42
N LEU A 455 -5.95 -12.22 5.62
CA LEU A 455 -6.32 -10.81 5.39
C LEU A 455 -5.66 -9.89 6.39
N GLN A 456 -5.73 -10.29 7.67
CA GLN A 456 -5.17 -9.51 8.73
C GLN A 456 -3.69 -9.37 8.47
N ASP A 457 -3.07 -10.48 8.07
CA ASP A 457 -1.60 -10.50 7.85
C ASP A 457 -1.18 -9.57 6.69
N PHE A 458 -1.96 -9.58 5.61
CA PHE A 458 -1.71 -8.73 4.44
C PHE A 458 -1.81 -7.25 4.84
N LEU A 459 -2.86 -6.86 5.56
CA LEU A 459 -3.03 -5.45 5.96
C LEU A 459 -1.91 -4.95 6.86
N SER A 460 -1.51 -5.76 7.83
CA SER A 460 -0.39 -5.35 8.66
C SER A 460 0.93 -5.20 7.91
N ALA A 461 1.17 -6.06 6.94
CA ALA A 461 2.43 -6.06 6.16
C ALA A 461 2.56 -4.88 5.22
N GLN A 462 1.45 -4.16 4.97
CA GLN A 462 1.49 -2.99 4.10
C GLN A 462 2.10 -1.87 4.89
N GLN A 463 2.08 -1.98 6.21
CA GLN A 463 2.81 -1.14 7.19
C GLN A 463 2.38 0.29 7.33
N VAL A 464 1.83 0.85 6.28
CA VAL A 464 1.68 2.30 6.24
C VAL A 464 0.34 2.83 6.85
N GLN A 465 -0.58 1.93 7.13
CA GLN A 465 -1.82 2.29 7.83
C GLN A 465 -2.07 1.36 9.03
N ALA A 466 -0.99 1.08 9.76
CA ALA A 466 -0.96 0.24 10.98
C ALA A 466 -2.33 -0.21 11.53
N PRO A 467 -2.86 -1.35 11.04
CA PRO A 467 -4.19 -1.76 11.47
C PRO A 467 -4.50 -1.72 12.98
N VAL A 468 -5.75 -1.36 13.30
CA VAL A 468 -6.32 -1.42 14.66
C VAL A 468 -7.53 -2.35 14.65
N LYS A 469 -7.52 -3.36 15.53
CA LYS A 469 -8.65 -4.26 15.74
C LYS A 469 -9.65 -3.57 16.66
N LEU A 470 -10.88 -3.48 16.18
CA LEU A 470 -11.99 -2.95 16.97
C LEU A 470 -12.88 -4.14 17.34
N TYR A 471 -13.90 -3.90 18.16
CA TYR A 471 -14.80 -4.98 18.62
C TYR A 471 -16.12 -4.86 17.90
N SER A 472 -16.36 -5.74 16.92
CA SER A 472 -17.59 -5.71 16.12
C SER A 472 -18.45 -6.99 16.21
N ASP A 473 -17.94 -8.03 16.88
CA ASP A 473 -18.58 -9.36 16.86
C ASP A 473 -19.87 -9.43 17.69
N TRP A 474 -20.14 -8.39 18.48
CA TRP A 474 -21.45 -8.23 19.16
C TRP A 474 -22.61 -7.96 18.20
N LEU A 475 -22.28 -7.55 16.99
CA LEU A 475 -23.26 -7.26 15.96
C LEU A 475 -23.55 -8.53 15.22
N SER A 476 -24.80 -8.67 14.80
CA SER A 476 -25.20 -9.84 14.05
C SER A 476 -24.35 -9.97 12.79
N VAL A 477 -24.38 -8.96 11.93
CA VAL A 477 -23.59 -8.96 10.69
C VAL A 477 -22.08 -8.94 11.05
N GLY A 478 -21.70 -7.98 11.89
CA GLY A 478 -20.39 -7.97 12.51
C GLY A 478 -19.41 -6.95 11.97
N HIS A 479 -19.92 -5.85 11.42
CA HIS A 479 -19.07 -4.91 10.70
C HIS A 479 -18.84 -3.61 11.42
N VAL A 480 -17.63 -3.12 11.36
CA VAL A 480 -17.35 -1.83 11.95
C VAL A 480 -18.22 -0.69 11.34
N ASP A 481 -18.70 -0.85 10.10
CA ASP A 481 -19.54 0.18 9.46
C ASP A 481 -20.97 0.25 10.01
N GLU A 482 -21.30 -0.65 10.95
CA GLU A 482 -22.57 -0.62 11.67
C GLU A 482 -22.55 0.26 12.92
N PHE A 483 -21.38 0.71 13.35
CA PHE A 483 -21.36 1.59 14.50
C PHE A 483 -20.52 2.83 14.34
N LEU A 484 -19.68 2.93 13.30
CA LEU A 484 -18.87 4.15 13.12
C LEU A 484 -18.92 4.66 11.70
N SER A 485 -18.65 5.95 11.55
CA SER A 485 -18.35 6.55 10.26
C SER A 485 -17.41 7.71 10.52
N PHE A 486 -16.77 8.18 9.46
CA PHE A 486 -16.04 9.45 9.53
C PHE A 486 -16.62 10.35 8.47
N VAL A 487 -16.71 11.64 8.78
CA VAL A 487 -17.18 12.62 7.84
C VAL A 487 -16.20 13.80 7.87
N PRO A 488 -16.08 14.53 6.75
CA PRO A 488 -15.23 15.71 6.79
C PRO A 488 -15.81 16.78 7.69
N ALA A 489 -14.95 17.65 8.20
CA ALA A 489 -15.35 18.83 8.93
C ALA A 489 -14.35 19.93 8.59
N PRO A 490 -14.79 21.19 8.61
CA PRO A 490 -13.92 22.29 8.18
C PRO A 490 -12.97 22.78 9.28
N ASP A 491 -13.11 22.26 10.49
CA ASP A 491 -12.36 22.73 11.65
C ASP A 491 -11.70 21.56 12.37
N ARG A 492 -11.14 21.85 13.54
CA ARG A 492 -10.44 20.85 14.36
C ARG A 492 -9.50 20.03 13.44
N LYS A 493 -9.48 18.70 13.55
CA LYS A 493 -8.56 17.86 12.77
C LYS A 493 -9.06 17.56 11.34
N GLY A 494 -10.14 18.24 10.93
CA GLY A 494 -10.65 18.05 9.58
C GLY A 494 -11.65 16.91 9.42
N PHE A 495 -12.11 16.35 10.53
CA PHE A 495 -13.14 15.34 10.47
C PHE A 495 -13.94 15.32 11.74
N ARG A 496 -15.00 14.51 11.74
CA ARG A 496 -15.60 13.99 12.97
C ARG A 496 -15.73 12.46 12.84
N LEU A 497 -15.48 11.78 13.95
CA LEU A 497 -15.91 10.41 14.15
C LEU A 497 -17.38 10.48 14.55
N LEU A 498 -18.22 9.80 13.78
CA LEU A 498 -19.62 9.55 14.13
C LEU A 498 -19.74 8.16 14.74
N LEU A 499 -20.41 8.03 15.89
CA LEU A 499 -20.68 6.71 16.46
C LEU A 499 -22.17 6.54 16.69
N ALA A 500 -22.73 5.37 16.36
CA ALA A 500 -24.11 5.09 16.77
C ALA A 500 -24.23 5.26 18.31
N SER A 501 -25.37 5.78 18.77
CA SER A 501 -25.57 6.07 20.21
C SER A 501 -27.00 5.85 20.64
N PRO A 502 -27.27 4.70 21.29
CA PRO A 502 -28.55 4.48 21.97
C PRO A 502 -28.89 5.60 22.94
N ARG A 503 -27.91 6.01 23.74
CA ARG A 503 -28.02 7.12 24.67
C ARG A 503 -28.65 8.37 24.07
N SER A 504 -28.16 8.77 22.90
CA SER A 504 -28.60 9.99 22.24
C SER A 504 -30.07 9.87 21.83
N CYS A 505 -30.46 8.67 21.43
CA CYS A 505 -31.81 8.42 21.00
C CYS A 505 -32.79 8.41 22.15
N TYR A 506 -32.42 7.80 23.27
CA TYR A 506 -33.26 7.82 24.47
C TYR A 506 -33.41 9.26 25.01
N LYS A 507 -32.32 10.02 24.95
CA LYS A 507 -32.37 11.42 25.31
C LYS A 507 -33.37 12.15 24.42
N LEU A 508 -33.25 11.96 23.11
CA LEU A 508 -34.13 12.59 22.09
C LEU A 508 -35.60 12.26 22.33
N PHE A 509 -35.88 10.98 22.53
CA PHE A 509 -37.23 10.51 22.76
C PHE A 509 -37.79 10.96 24.11
N GLN A 510 -36.96 10.95 25.16
CA GLN A 510 -37.42 11.44 26.45
C GLN A 510 -37.78 12.90 26.33
N GLU A 511 -36.94 13.67 25.64
CA GLU A 511 -37.21 15.08 25.42
C GLU A 511 -38.54 15.34 24.73
N GLN A 512 -38.85 14.57 23.67
CA GLN A 512 -40.14 14.70 22.98
C GLN A 512 -41.27 14.38 23.94
N GLN A 513 -41.17 13.24 24.63
CA GLN A 513 -42.19 12.86 25.60
C GLN A 513 -42.39 13.97 26.61
N ASN A 514 -41.29 14.52 27.13
CA ASN A 514 -41.36 15.61 28.09
C ASN A 514 -42.12 16.82 27.54
N GLU A 515 -42.07 16.99 26.22
CA GLU A 515 -42.78 18.09 25.54
C GLU A 515 -44.18 17.71 25.00
N GLY A 516 -44.65 16.53 25.38
CA GLY A 516 -46.02 16.11 25.13
C GLY A 516 -46.26 15.26 23.90
N HIS A 517 -45.19 14.66 23.37
CA HIS A 517 -45.26 13.91 22.13
C HIS A 517 -45.12 12.40 22.34
N GLY A 518 -45.47 11.91 23.53
CA GLY A 518 -45.34 10.49 23.87
C GLY A 518 -46.12 9.56 22.96
N GLU A 519 -47.14 10.11 22.33
CA GLU A 519 -48.01 9.37 21.44
C GLU A 519 -47.41 9.25 20.02
N ALA A 520 -46.35 10.01 19.76
CA ALA A 520 -45.73 10.03 18.44
C ALA A 520 -45.21 8.63 18.03
N LEU A 521 -45.39 8.30 16.74
CA LEU A 521 -45.19 6.94 16.25
C LEU A 521 -43.88 6.74 15.51
N LEU A 522 -43.03 5.86 16.03
CA LEU A 522 -41.89 5.39 15.28
C LEU A 522 -42.48 4.49 14.18
N PHE A 523 -41.93 4.60 12.98
CA PHE A 523 -42.33 3.80 11.81
C PHE A 523 -43.59 4.37 11.13
N GLU A 524 -43.82 5.67 11.29
CA GLU A 524 -44.84 6.36 10.50
C GLU A 524 -44.27 6.63 9.10
N GLY A 525 -45.07 6.34 8.08
CA GLY A 525 -44.60 6.29 6.70
C GLY A 525 -44.45 4.87 6.16
N ILE A 526 -44.41 3.88 7.06
CA ILE A 526 -44.27 2.47 6.66
C ILE A 526 -45.59 1.70 6.74
N LYS A 527 -46.10 1.33 5.57
CA LYS A 527 -47.41 0.67 5.45
C LYS A 527 -47.39 -0.76 5.97
N LYS A 528 -46.26 -1.45 5.78
CA LYS A 528 -46.13 -2.86 6.16
C LYS A 528 -45.34 -3.01 7.47
N LYS A 529 -45.73 -2.24 8.48
CA LYS A 529 -45.09 -2.29 9.80
C LYS A 529 -45.99 -1.81 10.93
N LYS A 530 -45.79 -2.42 12.10
CA LYS A 530 -46.42 -2.03 13.35
C LYS A 530 -45.77 -0.75 13.91
N GLN A 531 -46.58 0.31 13.99
CA GLN A 531 -46.14 1.58 14.56
C GLN A 531 -45.86 1.36 16.05
N GLN A 532 -44.90 2.10 16.61
CA GLN A 532 -44.63 2.04 18.04
C GLN A 532 -44.55 3.45 18.59
N LYS A 533 -45.18 3.68 19.73
CA LYS A 533 -45.21 5.02 20.35
C LYS A 533 -43.94 5.29 21.16
N ILE A 534 -43.47 6.54 21.11
CA ILE A 534 -42.34 6.97 21.94
C ILE A 534 -42.47 6.50 23.41
N LYS A 535 -43.65 6.66 24.00
CA LYS A 535 -43.86 6.26 25.39
C LYS A 535 -43.69 4.75 25.63
N ASN A 536 -44.07 3.94 24.64
CA ASN A 536 -43.96 2.49 24.77
C ASN A 536 -42.52 2.02 24.57
N ILE A 537 -41.80 2.68 23.66
CA ILE A 537 -40.36 2.44 23.45
C ILE A 537 -39.60 2.73 24.74
N LEU A 538 -39.81 3.91 25.31
CA LEU A 538 -39.16 4.29 26.58
C LEU A 538 -39.50 3.36 27.74
N SER A 539 -40.75 2.97 27.87
CA SER A 539 -41.16 2.10 28.95
C SER A 539 -40.69 0.64 28.81
N ASN A 540 -40.20 0.27 27.62
CA ASN A 540 -39.82 -1.12 27.36
C ASN A 540 -38.49 -1.43 28.07
N LYS A 541 -38.54 -2.27 29.10
CA LYS A 541 -37.39 -2.50 29.96
C LYS A 541 -36.38 -3.44 29.32
N THR A 542 -36.84 -4.39 28.50
CA THR A 542 -35.95 -5.32 27.81
C THR A 542 -35.18 -4.60 26.70
N LEU A 543 -35.89 -3.78 25.94
CA LEU A 543 -35.29 -2.93 24.90
C LEU A 543 -34.22 -2.05 25.51
N ARG A 544 -34.51 -1.48 26.67
CA ARG A 544 -33.53 -0.66 27.38
C ARG A 544 -32.29 -1.45 27.82
N GLU A 545 -32.49 -2.65 28.36
CA GLU A 545 -31.37 -3.53 28.74
C GLU A 545 -30.49 -3.87 27.54
N HIS A 546 -31.12 -4.31 26.46
CA HIS A 546 -30.43 -4.58 25.21
C HIS A 546 -29.58 -3.40 24.77
N ASN A 547 -30.17 -2.23 24.74
CA ASN A 547 -29.45 -1.04 24.28
C ASN A 547 -28.38 -0.57 25.28
N SER A 548 -28.47 -0.98 26.54
CA SER A 548 -27.40 -0.67 27.50
C SER A 548 -26.21 -1.56 27.23
N PHE A 549 -26.49 -2.82 26.92
CA PHE A 549 -25.41 -3.73 26.56
C PHE A 549 -24.75 -3.22 25.27
N VAL A 550 -25.54 -2.89 24.27
CA VAL A 550 -24.96 -2.31 23.03
C VAL A 550 -24.13 -1.05 23.28
N GLU A 551 -24.67 -0.14 24.09
CA GLU A 551 -23.95 1.07 24.52
C GLU A 551 -22.59 0.76 25.10
N ARG A 552 -22.51 -0.29 25.91
CA ARG A 552 -21.27 -0.70 26.49
C ARG A 552 -20.29 -1.15 25.42
N CYS A 553 -20.78 -1.95 24.46
CA CYS A 553 -19.95 -2.40 23.33
C CYS A 553 -19.41 -1.23 22.53
N ILE A 554 -20.26 -0.27 22.20
CA ILE A 554 -19.83 0.88 21.42
C ILE A 554 -18.89 1.76 22.27
N ASP A 555 -19.21 1.96 23.54
CA ASP A 555 -18.32 2.71 24.46
C ASP A 555 -16.91 2.13 24.54
N TRP A 556 -16.82 0.80 24.53
CA TRP A 556 -15.54 0.12 24.51
C TRP A 556 -14.73 0.53 23.29
N ASN A 557 -15.37 0.50 22.13
CA ASN A 557 -14.75 0.95 20.89
C ASN A 557 -14.40 2.45 20.92
N ARG A 558 -15.29 3.27 21.48
CA ARG A 558 -15.05 4.68 21.62
C ARG A 558 -13.70 4.89 22.26
N GLU A 559 -13.44 4.23 23.39
CA GLU A 559 -12.22 4.50 24.17
C GLU A 559 -11.00 3.93 23.47
N LEU A 560 -11.22 2.81 22.80
CA LEU A 560 -10.23 2.17 21.95
C LEU A 560 -9.79 3.05 20.77
N LEU A 561 -10.77 3.66 20.10
CA LEU A 561 -10.50 4.63 19.02
C LEU A 561 -9.84 5.88 19.57
N LYS A 562 -10.29 6.32 20.74
CA LYS A 562 -9.65 7.44 21.42
C LYS A 562 -8.15 7.20 21.68
N ARG A 563 -7.81 6.05 22.28
CA ARG A 563 -6.39 5.72 22.49
C ARG A 563 -5.58 5.52 21.19
N GLU A 564 -6.07 4.69 20.29
CA GLU A 564 -5.35 4.32 19.06
C GLU A 564 -5.35 5.33 17.91
N LEU A 565 -6.30 6.28 17.94
CA LEU A 565 -6.36 7.38 16.95
C LEU A 565 -6.07 8.76 17.59
N GLY A 566 -5.89 8.81 18.90
CA GLY A 566 -5.57 10.07 19.58
C GLY A 566 -6.69 11.10 19.60
N LEU A 567 -7.93 10.60 19.60
CA LEU A 567 -9.12 11.43 19.51
C LEU A 567 -9.47 11.98 20.88
N ALA A 568 -10.04 13.19 20.89
CA ALA A 568 -10.68 13.76 22.07
C ALA A 568 -12.18 13.72 21.83
N GLU A 569 -12.96 13.88 22.89
CA GLU A 569 -14.43 13.88 22.79
C GLU A 569 -14.93 14.83 21.71
N SER A 570 -14.29 15.98 21.61
CA SER A 570 -14.57 17.01 20.61
C SER A 570 -14.31 16.57 19.17
N ASP A 571 -13.66 15.43 18.95
CA ASP A 571 -13.63 14.81 17.61
C ASP A 571 -14.82 13.90 17.32
N ILE A 572 -15.69 13.71 18.30
CA ILE A 572 -16.69 12.65 18.26
C ILE A 572 -18.12 13.20 18.31
N ILE A 573 -18.99 12.71 17.42
CA ILE A 573 -20.42 13.04 17.42
C ILE A 573 -21.23 11.75 17.53
N ASP A 574 -22.12 11.70 18.50
CA ASP A 574 -23.05 10.57 18.67
C ASP A 574 -24.31 10.75 17.81
N ILE A 575 -24.71 9.68 17.13
CA ILE A 575 -25.84 9.70 16.23
C ILE A 575 -26.91 8.86 16.92
N PRO A 576 -28.11 9.46 17.15
CA PRO A 576 -29.16 8.72 17.86
C PRO A 576 -29.50 7.45 17.10
N GLN A 577 -29.40 6.30 17.78
CA GLN A 577 -29.57 5.02 17.13
C GLN A 577 -29.91 3.95 18.15
N LEU A 578 -31.04 3.29 17.91
CA LEU A 578 -31.48 2.16 18.72
C LEU A 578 -31.15 0.81 18.04
N PHE A 579 -30.91 -0.18 18.88
CA PHE A 579 -30.60 -1.54 18.47
C PHE A 579 -31.51 -2.50 19.22
N LYS A 580 -31.54 -3.73 18.73
CA LYS A 580 -32.22 -4.84 19.38
C LYS A 580 -31.35 -6.10 19.30
N LEU A 581 -31.31 -6.90 20.36
CA LEU A 581 -30.60 -8.18 20.35
C LEU A 581 -31.53 -9.27 19.88
N LYS A 582 -31.04 -10.13 18.97
CA LYS A 582 -31.86 -11.17 18.37
C LYS A 582 -31.16 -12.53 18.42
N GLU A 583 -31.06 -13.23 17.29
CA GLU A 583 -30.33 -14.52 17.18
C GLU A 583 -28.99 -14.50 17.91
N PHE A 584 -28.79 -15.45 18.81
CA PHE A 584 -27.55 -15.55 19.61
C PHE A 584 -27.23 -14.26 20.37
N SER A 585 -28.26 -13.49 20.73
CA SER A 585 -28.09 -12.22 21.45
C SER A 585 -27.23 -11.19 20.70
N LYS A 586 -27.22 -11.30 19.37
CA LYS A 586 -26.47 -10.42 18.50
C LYS A 586 -27.30 -9.22 18.08
N ALA A 587 -26.64 -8.07 17.91
CA ALA A 587 -27.28 -6.77 17.75
C ALA A 587 -27.63 -6.50 16.31
N GLU A 588 -28.81 -5.90 16.11
CA GLU A 588 -29.34 -5.49 14.83
C GLU A 588 -29.96 -4.13 15.03
N ALA A 589 -30.10 -3.36 13.96
CA ALA A 589 -30.63 -2.01 14.03
C ALA A 589 -32.16 -2.05 14.26
N PHE A 590 -32.62 -1.30 15.26
CA PHE A 590 -34.04 -1.25 15.63
C PHE A 590 -34.80 -0.50 14.55
N PHE A 591 -34.19 0.57 14.03
CA PHE A 591 -34.66 1.30 12.86
C PHE A 591 -33.45 1.58 11.97
N PRO A 592 -33.65 1.98 10.71
CA PRO A 592 -32.52 2.16 9.79
C PRO A 592 -31.29 2.83 10.38
N ASN A 593 -30.18 2.07 10.32
CA ASN A 593 -28.91 2.41 10.95
C ASN A 593 -28.24 3.60 10.28
N MET A 594 -28.50 4.77 10.82
CA MET A 594 -28.13 6.04 10.14
C MET A 594 -26.63 6.26 9.98
N VAL A 595 -25.84 5.63 10.84
CA VAL A 595 -24.38 5.76 10.75
C VAL A 595 -23.80 4.97 9.58
N ASN A 596 -24.60 4.06 9.04
CA ASN A 596 -24.21 3.28 7.88
C ASN A 596 -24.57 4.09 6.64
N MET A 597 -23.81 5.17 6.47
CA MET A 597 -24.14 6.20 5.50
C MET A 597 -23.08 6.33 4.40
N LEU A 598 -23.50 6.90 3.27
CA LEU A 598 -22.61 7.14 2.16
C LEU A 598 -22.08 8.57 2.22
N VAL A 599 -20.79 8.72 2.38
CA VAL A 599 -20.18 10.02 2.54
C VAL A 599 -19.54 10.38 1.22
N LEU A 600 -20.11 11.39 0.56
CA LEU A 600 -19.61 11.86 -0.74
C LEU A 600 -19.21 13.33 -0.58
N GLY A 601 -18.06 13.56 0.05
CA GLY A 601 -17.69 14.90 0.46
C GLY A 601 -18.67 15.46 1.48
N LYS A 602 -19.11 16.69 1.26
CA LYS A 602 -20.11 17.30 2.12
C LYS A 602 -21.53 16.77 1.87
N HIS A 603 -21.71 15.93 0.85
CA HIS A 603 -23.01 15.30 0.58
C HIS A 603 -23.13 13.94 1.27
N LEU A 604 -24.11 13.79 2.16
CA LEU A 604 -24.29 12.54 2.91
C LEU A 604 -25.56 11.80 2.49
N GLY A 605 -25.44 10.51 2.23
CA GLY A 605 -26.59 9.63 1.94
C GLY A 605 -26.89 8.76 3.15
N ILE A 606 -27.88 9.17 3.92
CA ILE A 606 -28.17 8.62 5.25
C ILE A 606 -29.44 7.79 5.17
N PRO A 607 -29.42 6.55 5.68
CA PRO A 607 -30.67 5.81 5.62
C PRO A 607 -31.81 6.54 6.36
N LYS A 608 -33.00 6.56 5.76
CA LYS A 608 -34.17 7.22 6.37
C LYS A 608 -34.73 6.39 7.56
N PRO A 609 -34.66 6.94 8.78
CA PRO A 609 -35.02 6.15 9.96
C PRO A 609 -36.53 5.96 10.16
N PHE A 610 -37.34 6.78 9.50
CA PHE A 610 -38.80 6.80 9.70
C PHE A 610 -39.17 7.01 11.20
N GLY A 611 -38.61 8.07 11.78
CA GLY A 611 -38.79 8.36 13.19
C GLY A 611 -40.11 9.05 13.47
N PRO A 612 -40.40 9.29 14.76
CA PRO A 612 -41.63 10.01 15.14
C PRO A 612 -41.68 11.38 14.50
N VAL A 613 -42.81 11.68 13.84
CA VAL A 613 -42.97 12.96 13.15
C VAL A 613 -43.54 13.96 14.15
N ILE A 614 -42.74 14.97 14.45
CA ILE A 614 -43.10 16.01 15.38
C ILE A 614 -42.92 17.33 14.67
N ASN A 615 -43.98 18.12 14.64
CA ASN A 615 -43.98 19.39 13.93
C ASN A 615 -43.60 19.22 12.45
N GLY A 616 -44.19 18.21 11.82
CA GLY A 616 -44.07 18.03 10.37
C GLY A 616 -42.78 17.37 9.89
N ARG A 617 -41.93 16.95 10.83
CA ARG A 617 -40.59 16.45 10.48
C ARG A 617 -40.20 15.31 11.42
N CYS A 618 -39.62 14.24 10.84
CA CYS A 618 -38.99 13.16 11.62
C CYS A 618 -37.96 13.76 12.57
N CYS A 619 -38.12 13.49 13.87
CA CYS A 619 -37.26 14.09 14.89
C CYS A 619 -35.86 13.50 14.88
N LEU A 620 -35.72 12.29 14.34
CA LEU A 620 -34.39 11.70 14.18
C LEU A 620 -33.62 12.43 13.10
N GLU A 621 -34.25 12.61 11.93
CA GLU A 621 -33.63 13.36 10.84
C GLU A 621 -33.25 14.76 11.34
N GLU A 622 -34.19 15.39 12.04
CA GLU A 622 -33.97 16.74 12.58
C GLU A 622 -32.76 16.76 13.51
N LYS A 623 -32.68 15.79 14.41
CA LYS A 623 -31.54 15.67 15.34
C LYS A 623 -30.23 15.46 14.59
N VAL A 624 -30.24 14.56 13.62
CA VAL A 624 -29.03 14.33 12.81
C VAL A 624 -28.61 15.61 12.09
N CYS A 625 -29.57 16.26 11.43
CA CYS A 625 -29.30 17.54 10.77
C CYS A 625 -28.71 18.57 11.72
N SER A 626 -29.29 18.70 12.92
CA SER A 626 -28.79 19.66 13.92
C SER A 626 -27.33 19.38 14.29
N LEU A 627 -26.94 18.11 14.19
CA LEU A 627 -25.57 17.73 14.53
C LEU A 627 -24.59 17.94 13.37
N LEU A 628 -25.04 17.70 12.13
CA LEU A 628 -24.12 17.66 10.98
C LEU A 628 -24.14 18.92 10.10
N GLU A 629 -25.28 19.59 10.00
CA GLU A 629 -25.38 20.78 9.17
C GLU A 629 -24.41 21.88 9.62
N PRO A 630 -24.26 22.09 10.94
CA PRO A 630 -23.23 22.99 11.50
C PRO A 630 -21.80 22.75 11.02
N LEU A 631 -21.51 21.57 10.48
CA LEU A 631 -20.22 21.30 9.88
C LEU A 631 -20.21 21.59 8.37
N GLY A 632 -21.32 22.10 7.85
CA GLY A 632 -21.46 22.28 6.42
C GLY A 632 -21.76 20.99 5.65
N LEU A 633 -22.25 19.98 6.36
CA LEU A 633 -22.66 18.73 5.71
C LEU A 633 -24.10 18.82 5.27
N GLN A 634 -24.41 18.24 4.12
CA GLN A 634 -25.77 18.18 3.63
C GLN A 634 -26.29 16.75 3.71
N CYS A 635 -27.34 16.54 4.49
CA CYS A 635 -27.91 15.22 4.76
C CYS A 635 -29.08 14.92 3.83
N THR A 636 -28.93 13.88 3.01
CA THR A 636 -30.02 13.35 2.20
C THR A 636 -30.46 12.04 2.83
N PHE A 637 -31.75 11.93 3.16
CA PHE A 637 -32.29 10.72 3.76
C PHE A 637 -32.94 9.80 2.73
N ILE A 638 -32.38 8.60 2.57
CA ILE A 638 -32.75 7.67 1.50
C ILE A 638 -33.60 6.49 2.05
N ASN A 639 -34.77 6.27 1.45
CA ASN A 639 -35.64 5.15 1.83
C ASN A 639 -34.99 3.85 1.38
N ASP A 640 -34.42 3.12 2.33
CA ASP A 640 -33.79 1.83 2.04
C ASP A 640 -34.51 0.71 2.78
N PHE A 641 -35.74 0.97 3.19
CA PHE A 641 -36.34 0.19 4.27
C PHE A 641 -36.54 -1.28 3.92
N PHE A 642 -37.31 -1.55 2.87
CA PHE A 642 -37.67 -2.93 2.50
C PHE A 642 -36.59 -3.60 1.63
N THR A 643 -35.76 -2.77 1.01
CA THR A 643 -34.71 -3.23 0.11
C THR A 643 -33.38 -3.58 0.78
N TYR A 644 -32.98 -2.81 1.80
CA TYR A 644 -31.69 -3.00 2.48
C TYR A 644 -31.88 -3.23 3.96
N HIS A 645 -32.57 -2.31 4.63
CA HIS A 645 -32.69 -2.35 6.08
C HIS A 645 -33.16 -3.72 6.57
N ILE A 646 -34.26 -4.17 5.96
CA ILE A 646 -34.91 -5.44 6.25
C ILE A 646 -34.02 -6.68 5.97
N ARG A 647 -33.01 -6.51 5.12
CA ARG A 647 -31.99 -7.55 4.85
C ARG A 647 -30.63 -7.30 5.53
N HIS A 648 -30.63 -6.50 6.59
CA HIS A 648 -29.48 -6.42 7.52
C HIS A 648 -28.32 -5.48 7.08
N GLY A 649 -28.66 -4.44 6.33
CA GLY A 649 -27.69 -3.41 5.99
C GLY A 649 -28.38 -2.18 5.46
N GLU A 650 -27.61 -1.14 5.23
CA GLU A 650 -28.19 0.14 4.79
C GLU A 650 -27.44 0.76 3.60
N VAL A 651 -27.38 2.09 3.55
CA VAL A 651 -26.88 2.80 2.39
C VAL A 651 -25.40 2.52 2.13
N HIS A 652 -24.59 2.59 3.17
CA HIS A 652 -23.15 2.25 3.08
C HIS A 652 -22.95 0.82 2.62
N ALA A 653 -23.67 -0.11 3.27
CA ALA A 653 -23.60 -1.53 2.90
C ALA A 653 -24.01 -1.82 1.43
N GLY A 654 -24.93 -1.02 0.90
CA GLY A 654 -25.40 -1.20 -0.49
C GLY A 654 -24.58 -0.46 -1.56
N THR A 655 -23.49 0.21 -1.14
CA THR A 655 -22.66 1.00 -2.08
C THR A 655 -21.16 0.92 -1.77
N ASN A 656 -20.34 1.43 -2.69
CA ASN A 656 -18.90 1.56 -2.46
C ASN A 656 -18.39 2.83 -3.15
N VAL A 657 -17.17 3.22 -2.83
CA VAL A 657 -16.60 4.45 -3.39
C VAL A 657 -15.07 4.35 -3.63
N ARG A 658 -14.68 4.83 -4.82
CA ARG A 658 -13.29 5.11 -5.14
C ARG A 658 -13.01 6.56 -4.80
N ARG A 659 -11.93 6.79 -4.06
CA ARG A 659 -11.59 8.12 -3.62
C ARG A 659 -10.19 8.48 -4.07
N LYS A 660 -9.91 9.80 -4.01
CA LYS A 660 -8.61 10.33 -4.38
C LYS A 660 -7.51 9.82 -3.45
N PRO A 661 -6.39 9.34 -4.00
CA PRO A 661 -5.26 8.99 -3.16
C PRO A 661 -4.68 10.16 -2.39
N PHE A 662 -4.12 9.88 -1.22
CA PHE A 662 -3.44 10.93 -0.46
C PHE A 662 -2.30 11.57 -1.30
N SER A 663 -2.11 12.87 -1.14
CA SER A 663 -0.99 13.55 -1.77
C SER A 663 0.30 13.15 -1.06
N PHE A 664 0.21 12.95 0.25
CA PHE A 664 1.36 12.49 1.03
C PHE A 664 1.84 11.18 0.44
N LYS A 665 3.15 11.10 0.21
CA LYS A 665 3.79 9.95 -0.42
C LYS A 665 4.17 8.98 0.67
N TRP A 666 3.72 7.75 0.53
CA TRP A 666 3.80 6.77 1.62
C TRP A 666 5.23 6.49 2.11
N TRP A 667 6.17 6.58 1.17
CA TRP A 667 7.58 6.30 1.45
C TRP A 667 8.19 7.37 2.30
N ASN A 668 7.50 8.51 2.40
CA ASN A 668 7.97 9.60 3.25
C ASN A 668 7.57 9.44 4.72
N MET A 669 6.78 8.41 5.00
CA MET A 669 6.42 8.06 6.37
C MET A 669 7.58 7.30 6.97
N VAL A 670 7.61 7.23 8.30
CA VAL A 670 8.56 6.39 9.03
C VAL A 670 7.75 5.48 9.98
N PRO A 671 7.25 4.35 9.46
CA PRO A 671 6.34 3.50 10.23
C PRO A 671 6.93 3.02 11.55
N THR B 3 -30.03 -13.66 0.50
CA THR B 3 -30.19 -12.22 0.10
C THR B 3 -29.86 -11.18 1.22
N ALA B 4 -29.73 -11.63 2.46
CA ALA B 4 -29.34 -10.75 3.57
C ALA B 4 -27.83 -10.46 3.57
N ARG B 5 -27.41 -9.38 4.26
CA ARG B 5 -25.99 -9.03 4.35
C ARG B 5 -25.18 -10.09 5.12
N LYS B 6 -25.88 -10.89 5.92
CA LYS B 6 -25.31 -11.65 7.06
C LYS B 6 -24.38 -12.83 6.74
N SER B 7 -24.83 -13.76 5.90
CA SER B 7 -24.11 -15.03 5.79
C SER B 7 -22.65 -14.92 5.29
CA CA C . -15.23 -0.86 3.49
CA CA D . 0.23 -2.81 -16.33
CA CA E . -1.23 0.58 -16.37
CA CA F . -14.18 -12.22 -4.03
CA CA G . 3.29 -8.89 -19.04
S SO4 H . -20.89 -15.50 9.80
O1 SO4 H . -21.32 -15.28 8.41
O2 SO4 H . -21.80 -16.45 10.42
O3 SO4 H . -19.54 -16.05 9.82
O4 SO4 H . -20.95 -14.25 10.54
S SO4 I . -26.42 14.90 22.38
O1 SO4 I . -27.13 15.89 21.58
O2 SO4 I . -27.33 13.80 22.71
O3 SO4 I . -25.27 14.38 21.64
O4 SO4 I . -25.98 15.52 23.63
S SO4 J . -51.11 2.37 24.16
O1 SO4 J . -52.20 1.56 24.71
O2 SO4 J . -49.86 1.98 24.84
O3 SO4 J . -50.99 2.12 22.73
O4 SO4 J . -51.39 3.78 24.41
#